data_8ZUZ
#
_entry.id   8ZUZ
#
_cell.length_a   1.00
_cell.length_b   1.00
_cell.length_c   1.00
_cell.angle_alpha   90.00
_cell.angle_beta   90.00
_cell.angle_gamma   90.00
#
_symmetry.space_group_name_H-M   'P 1'
#
loop_
_entity.id
_entity.type
_entity.pdbx_description
1 polymer 'Propionyl-CoA carboxylase alpha chain, mitochondrial'
2 polymer 'Propionyl-CoA carboxylase beta chain, mitochondrial'
3 polymer 'Propionyl-CoA carboxylase beta chain, mitochondrial'
4 non-polymer "ADENOSINE-5'-TRIPHOSPHATE"
5 non-polymer 'MAGNESIUM ION'
6 non-polymer 'BICARBONATE ION'
#
loop_
_entity_poly.entity_id
_entity_poly.type
_entity_poly.pdbx_seq_one_letter_code
_entity_poly.pdbx_strand_id
1 'polypeptide(L)'
;MAGFWVGTAPLVAAGRRGRWPPQQLMLSAALRTLKHVLYYSRQCLMVSRNLGSVGYDPNEKTFDKILVANRGEIACRVIR
TCKKMGIKTVAIHSDVDASSVHVKMADEAVCVGPAPTSKSYLNMDAIMEAIKKTRAQAVHPGYGFLSENKEFARCLAAED
VVFIGPDTHAIQAMGDKIESKLLAKKAEVNTIPGFDGVVKDAEEAVRIAREIGYPVMIKASAGGGGKGMRIAWDDEETRD
GFRLSSQEAASSFGDDRLLIEKFIDNPRHIEIQVLGDKHGNALWLNERECSIQRRNQKVVEEAPSIFLDAETRRAMGEQA
VALARAVKYSSAGTVEFLVDSKKNFYFLEMNTRLQVEHPVTECITGLDLVQEMIRVAKGYPLRHKQADIRINGWAVECRV
YAEDPYKSFGLPSIGRLSQYQEPLHLPGVRVDSGIQPGSDISIYYDPMISKLITYGSDRTEALKRMADALDNYVIRGVTH
NIALLREVIINSRFVKGDISTKFLSDVYPDGFKGHMLTKSEKNQLLAIASSLFVAFQLRAQHFQENSRMPVIKPDIANWE
LSVKLHDKVHTVVASNNGSVFSVEVDGSKLNVTSTWNLASPLLSVSVDGTQRTVQCLSREAGGNMSIQFLGTVYKVNILT
RLAAELNKFMLEKVTEDTSSVLRSPMPGVVVAVSVKPGDAVAEGQEICVIEAMKMQNSMTAGKTGTVKSVHCQAGDTVGE
GDLLVELE
;
A
2 'polypeptide(L)'
;DPSDRLVPELDTIVPLESTKAYNMVDIIHSVVDEREFFEIMPNYAKNIIVGFARMNGRTVGIVGNQPKVASGCLDINSSV
KGARFVRFCDAFNIPLITFVDVPGFLPGTAQEYGGIIRHGAKLLYAFAEATVPKVTVITRKAYGGAYDVMSSKHLCGDTN
YAWPTAEIAVMGAKGAVEIIFKGHENVEAAQAEYIEKFANPFPAAVRGFVDDIIQPSSTRARICCDLDVLASKKVQRPWR
KHANIPL
;
B
3 'polypeptide(L)'
;MAAALRVAAVGARLSVLASGLRAAVRSLCSQATSVNERIENKRRTALLGGGQRRIDAQHKRGKLTARERISLLLDPGSFV
ESDMFVEHRCADFGMAADKNKFPGDSVVTGRGRINGRLVYVFSQDFTVFGRSLSGAHAQKICKIMDQAITVGAPVIGLND
SGGARIQEGVESLAGYADIFLRNVTASGVIPQISLIMGPCAGGAVYSPALTDFTFMVKDTSYLFITGPDVVKSVTNEDVT
QEELGGAKTHTTMSGVAHRAFENDVDALCNLRDFFNYLPLSSQDPAPVRECH
;
F
#
loop_
_chem_comp.id
_chem_comp.type
_chem_comp.name
_chem_comp.formula
ATP non-polymer ADENOSINE-5'-TRIPHOSPHATE 'C10 H16 N5 O13 P3'
BCT non-polymer 'BICARBONATE ION' 'C H O3 -1'
MG non-polymer 'MAGNESIUM ION' 'Mg 2'
#
# COMPACT_ATOMS: atom_id res chain seq x y z
N TYR A 56 -7.55 -29.15 -25.57
CA TYR A 56 -6.72 -28.12 -26.17
C TYR A 56 -5.85 -28.71 -27.27
N ASP A 57 -5.94 -28.14 -28.46
CA ASP A 57 -5.20 -28.62 -29.62
C ASP A 57 -4.24 -27.55 -30.12
N PRO A 58 -2.97 -27.60 -29.73
CA PRO A 58 -2.01 -26.62 -30.26
C PRO A 58 -1.81 -26.72 -31.76
N ASN A 59 -2.07 -27.89 -32.36
CA ASN A 59 -1.89 -28.05 -33.80
C ASN A 59 -2.88 -27.19 -34.59
N GLU A 60 -4.08 -26.98 -34.04
CA GLU A 60 -5.07 -26.13 -34.69
C GLU A 60 -4.54 -24.71 -34.80
N LYS A 61 -4.32 -24.25 -36.03
CA LYS A 61 -3.72 -22.94 -36.25
C LYS A 61 -4.66 -21.83 -35.79
N THR A 62 -4.10 -20.87 -35.05
CA THR A 62 -4.85 -19.74 -34.54
C THR A 62 -3.91 -18.54 -34.50
N PHE A 63 -4.50 -17.34 -34.45
CA PHE A 63 -3.74 -16.10 -34.50
C PHE A 63 -2.60 -16.10 -33.49
N ASP A 64 -1.37 -15.97 -34.00
CA ASP A 64 -0.19 -16.06 -33.15
C ASP A 64 -0.10 -14.88 -32.17
N LYS A 65 -0.44 -13.68 -32.62
CA LYS A 65 -0.34 -12.49 -31.79
C LYS A 65 -1.73 -11.95 -31.50
N ILE A 66 -2.06 -11.84 -30.22
CA ILE A 66 -3.36 -11.39 -29.76
C ILE A 66 -3.17 -10.33 -28.69
N LEU A 67 -3.90 -9.22 -28.82
CA LEU A 67 -3.89 -8.16 -27.83
C LEU A 67 -5.21 -8.15 -27.07
N VAL A 68 -5.12 -8.12 -25.75
CA VAL A 68 -6.29 -8.10 -24.88
C VAL A 68 -6.56 -6.65 -24.51
N ALA A 69 -7.64 -6.09 -25.05
CA ALA A 69 -8.01 -4.71 -24.77
C ALA A 69 -8.85 -4.58 -23.51
N ASN A 70 -8.33 -5.12 -22.41
CA ASN A 70 -9.03 -5.11 -21.14
C ASN A 70 -8.00 -5.16 -20.01
N ARG A 71 -8.47 -5.41 -18.80
CA ARG A 71 -7.61 -5.48 -17.63
C ARG A 71 -8.32 -6.30 -16.56
N GLY A 72 -7.56 -6.70 -15.55
CA GLY A 72 -8.13 -7.42 -14.43
C GLY A 72 -8.07 -8.92 -14.58
N GLU A 73 -9.02 -9.62 -13.97
CA GLU A 73 -8.98 -11.08 -13.95
C GLU A 73 -9.28 -11.65 -15.33
N ILE A 74 -10.06 -10.92 -16.13
CA ILE A 74 -10.43 -11.42 -17.46
C ILE A 74 -9.21 -11.42 -18.38
N ALA A 75 -8.34 -10.42 -18.24
CA ALA A 75 -7.10 -10.42 -19.01
C ALA A 75 -6.24 -11.62 -18.65
N CYS A 76 -6.14 -11.93 -17.36
CA CYS A 76 -5.38 -13.11 -16.94
C CYS A 76 -6.02 -14.39 -17.47
N ARG A 77 -7.35 -14.46 -17.46
CA ARG A 77 -8.03 -15.65 -17.98
C ARG A 77 -7.74 -15.83 -19.46
N VAL A 78 -7.84 -14.76 -20.24
CA VAL A 78 -7.55 -14.84 -21.67
C VAL A 78 -6.10 -15.22 -21.91
N ILE A 79 -5.19 -14.63 -21.13
CA ILE A 79 -3.77 -14.92 -21.30
C ILE A 79 -3.50 -16.39 -21.01
N ARG A 80 -4.08 -16.92 -19.93
CA ARG A 80 -3.86 -18.32 -19.61
C ARG A 80 -4.49 -19.23 -20.65
N THR A 81 -5.63 -18.85 -21.23
CA THR A 81 -6.23 -19.67 -22.27
C THR A 81 -5.36 -19.70 -23.52
N CYS A 82 -4.84 -18.54 -23.94
CA CYS A 82 -3.95 -18.50 -25.09
C CYS A 82 -2.68 -19.30 -24.83
N LYS A 83 -2.13 -19.20 -23.62
CA LYS A 83 -0.96 -19.99 -23.28
C LYS A 83 -1.29 -21.48 -23.30
N LYS A 84 -2.50 -21.84 -22.89
CA LYS A 84 -2.92 -23.24 -22.96
C LYS A 84 -2.98 -23.73 -24.40
N MET A 85 -3.47 -22.89 -25.31
CA MET A 85 -3.49 -23.25 -26.72
C MET A 85 -2.22 -22.83 -27.46
N GLY A 86 -1.22 -22.32 -26.74
CA GLY A 86 0.06 -21.99 -27.35
C GLY A 86 0.02 -20.78 -28.25
N ILE A 87 -0.22 -19.60 -27.67
CA ILE A 87 -0.30 -18.35 -28.42
C ILE A 87 0.45 -17.27 -27.66
N LYS A 88 1.35 -16.57 -28.33
CA LYS A 88 1.98 -15.40 -27.74
C LYS A 88 0.94 -14.30 -27.54
N THR A 89 0.90 -13.72 -26.35
CA THR A 89 -0.14 -12.77 -25.99
C THR A 89 0.50 -11.47 -25.52
N VAL A 90 0.10 -10.37 -26.14
CA VAL A 90 0.52 -9.04 -25.72
C VAL A 90 -0.61 -8.40 -24.93
N ALA A 91 -0.26 -7.57 -23.96
CA ALA A 91 -1.23 -6.94 -23.09
C ALA A 91 -0.97 -5.45 -22.98
N ILE A 92 -2.04 -4.67 -22.90
CA ILE A 92 -1.96 -3.23 -22.75
C ILE A 92 -2.32 -2.86 -21.32
N HIS A 93 -1.72 -1.77 -20.85
CA HIS A 93 -1.92 -1.34 -19.47
C HIS A 93 -1.64 0.15 -19.36
N SER A 94 -2.36 0.82 -18.48
CA SER A 94 -2.09 2.23 -18.20
C SER A 94 -0.88 2.32 -17.27
N ASP A 95 -0.58 3.53 -16.80
CA ASP A 95 0.55 3.72 -15.89
C ASP A 95 0.30 3.06 -14.55
N VAL A 96 -0.93 3.17 -14.03
CA VAL A 96 -1.24 2.59 -12.73
C VAL A 96 -1.13 1.07 -12.78
N ASP A 97 -1.68 0.46 -13.83
CA ASP A 97 -1.72 -0.99 -13.95
C ASP A 97 -0.43 -1.58 -14.50
N ALA A 98 0.67 -0.83 -14.44
CA ALA A 98 1.95 -1.34 -14.92
C ALA A 98 2.44 -2.51 -14.09
N SER A 99 1.99 -2.63 -12.84
CA SER A 99 2.40 -3.71 -11.95
C SER A 99 1.32 -4.76 -11.76
N SER A 100 0.36 -4.83 -12.67
CA SER A 100 -0.71 -5.81 -12.54
C SER A 100 -0.20 -7.20 -12.84
N VAL A 101 -1.04 -8.20 -12.57
CA VAL A 101 -0.65 -9.58 -12.83
C VAL A 101 -0.59 -9.87 -14.32
N HIS A 102 -1.53 -9.33 -15.09
CA HIS A 102 -1.65 -9.69 -16.48
C HIS A 102 -0.49 -9.18 -17.32
N VAL A 103 0.14 -8.08 -16.92
CA VAL A 103 1.27 -7.57 -17.69
C VAL A 103 2.46 -8.53 -17.58
N LYS A 104 2.67 -9.14 -16.41
CA LYS A 104 3.69 -10.16 -16.30
C LYS A 104 3.26 -11.48 -16.94
N MET A 105 1.97 -11.82 -16.86
CA MET A 105 1.50 -13.05 -17.48
C MET A 105 1.61 -13.00 -19.00
N ALA A 106 1.59 -11.82 -19.59
CA ALA A 106 1.76 -11.66 -21.04
C ALA A 106 3.24 -11.65 -21.39
N ASP A 107 3.56 -12.25 -22.54
CA ASP A 107 4.96 -12.29 -22.97
C ASP A 107 5.48 -10.91 -23.33
N GLU A 108 4.61 -10.03 -23.84
CA GLU A 108 5.00 -8.67 -24.17
C GLU A 108 3.96 -7.71 -23.65
N ALA A 109 4.37 -6.46 -23.45
CA ALA A 109 3.51 -5.43 -22.90
C ALA A 109 3.60 -4.16 -23.74
N VAL A 110 2.47 -3.44 -23.80
CA VAL A 110 2.42 -2.16 -24.49
C VAL A 110 1.69 -1.16 -23.60
N CYS A 111 2.43 -0.28 -22.93
CA CYS A 111 1.82 0.71 -22.08
C CYS A 111 0.99 1.67 -22.90
N VAL A 112 -0.21 2.01 -22.41
CA VAL A 112 -1.11 2.86 -23.18
C VAL A 112 -0.87 4.33 -22.88
N GLY A 113 -1.04 4.73 -21.63
CA GLY A 113 -0.90 6.13 -21.28
C GLY A 113 -1.42 6.48 -19.90
N PRO A 114 -2.28 7.49 -19.83
CA PRO A 114 -2.67 8.05 -18.54
C PRO A 114 -3.48 7.07 -17.70
N ALA A 115 -3.54 7.35 -16.40
CA ALA A 115 -4.22 6.46 -15.46
C ALA A 115 -5.70 6.29 -15.76
N PRO A 116 -6.50 7.34 -15.97
CA PRO A 116 -7.95 7.14 -16.11
C PRO A 116 -8.29 6.25 -17.29
N THR A 117 -9.32 5.42 -17.09
CA THR A 117 -9.72 4.47 -18.13
C THR A 117 -10.33 5.17 -19.34
N SER A 118 -10.90 6.36 -19.15
CA SER A 118 -11.49 7.09 -20.26
C SER A 118 -10.44 7.45 -21.30
N LYS A 119 -9.24 7.82 -20.86
CA LYS A 119 -8.17 8.21 -21.76
C LYS A 119 -7.14 7.10 -21.97
N SER A 120 -7.30 5.94 -21.33
CA SER A 120 -6.38 4.84 -21.52
C SER A 120 -7.05 3.62 -22.15
N TYR A 121 -8.09 3.06 -21.53
CA TYR A 121 -8.74 1.88 -22.07
C TYR A 121 -9.89 2.22 -23.01
N LEU A 122 -10.29 3.49 -23.04
CA LEU A 122 -11.27 3.96 -24.01
C LEU A 122 -10.66 4.85 -25.08
N ASN A 123 -9.34 5.03 -25.08
CA ASN A 123 -8.66 5.87 -26.04
C ASN A 123 -8.56 5.13 -27.37
N MET A 124 -9.23 5.67 -28.39
CA MET A 124 -9.20 5.03 -29.72
C MET A 124 -7.82 5.15 -30.34
N ASP A 125 -7.24 6.36 -30.32
CA ASP A 125 -5.97 6.58 -30.97
C ASP A 125 -4.86 5.75 -30.31
N ALA A 126 -4.86 5.68 -28.98
CA ALA A 126 -3.82 4.94 -28.29
C ALA A 126 -3.88 3.45 -28.62
N ILE A 127 -5.09 2.87 -28.62
CA ILE A 127 -5.20 1.44 -28.90
C ILE A 127 -4.88 1.16 -30.36
N MET A 128 -5.24 2.05 -31.27
CA MET A 128 -4.86 1.85 -32.67
C MET A 128 -3.35 1.95 -32.85
N GLU A 129 -2.71 2.88 -32.14
CA GLU A 129 -1.25 2.95 -32.17
C GLU A 129 -0.64 1.65 -31.67
N ALA A 130 -1.18 1.11 -30.58
CA ALA A 130 -0.68 -0.15 -30.05
C ALA A 130 -0.84 -1.28 -31.06
N ILE A 131 -2.00 -1.37 -31.70
CA ILE A 131 -2.24 -2.41 -32.70
C ILE A 131 -1.22 -2.30 -33.83
N LYS A 132 -1.03 -1.08 -34.36
CA LYS A 132 -0.15 -0.97 -35.52
C LYS A 132 1.32 -1.11 -35.13
N LYS A 133 1.67 -0.86 -33.87
CA LYS A 133 3.08 -0.99 -33.50
C LYS A 133 3.44 -2.41 -33.08
N THR A 134 2.52 -3.16 -32.48
CA THR A 134 2.81 -4.54 -32.11
C THR A 134 2.42 -5.54 -33.18
N ARG A 135 1.71 -5.10 -34.23
CA ARG A 135 1.27 -5.98 -35.31
C ARG A 135 0.45 -7.15 -34.77
N ALA A 136 -0.45 -6.86 -33.84
CA ALA A 136 -1.29 -7.90 -33.26
C ALA A 136 -2.23 -8.46 -34.31
N GLN A 137 -2.30 -9.79 -34.40
CA GLN A 137 -3.17 -10.42 -35.38
C GLN A 137 -4.63 -10.39 -34.95
N ALA A 138 -4.90 -10.48 -33.64
CA ALA A 138 -6.27 -10.51 -33.15
C ALA A 138 -6.40 -9.58 -31.96
N VAL A 139 -7.62 -9.13 -31.72
CA VAL A 139 -7.94 -8.32 -30.54
C VAL A 139 -9.07 -8.99 -29.78
N HIS A 140 -9.00 -8.93 -28.45
CA HIS A 140 -10.01 -9.50 -27.57
C HIS A 140 -10.38 -8.43 -26.55
N PRO A 141 -11.66 -8.05 -26.44
CA PRO A 141 -12.04 -7.00 -25.50
C PRO A 141 -12.44 -7.49 -24.12
N GLY A 142 -12.61 -8.80 -23.92
CA GLY A 142 -13.17 -9.27 -22.68
C GLY A 142 -14.62 -8.83 -22.57
N TYR A 143 -14.94 -8.11 -21.50
CA TYR A 143 -16.27 -7.54 -21.33
C TYR A 143 -16.13 -6.10 -20.86
N GLY A 144 -17.15 -5.30 -21.16
CA GLY A 144 -17.10 -3.89 -20.82
C GLY A 144 -16.10 -3.16 -21.71
N PHE A 145 -15.77 -1.94 -21.27
CA PHE A 145 -14.80 -1.11 -21.98
C PHE A 145 -15.19 -0.92 -23.43
N LEU A 146 -14.62 -1.73 -24.32
CA LEU A 146 -14.91 -1.68 -25.75
C LEU A 146 -15.71 -2.89 -26.21
N SER A 147 -16.53 -3.45 -25.33
CA SER A 147 -17.35 -4.60 -25.70
C SER A 147 -18.37 -4.22 -26.77
N GLU A 148 -19.00 -3.05 -26.64
CA GLU A 148 -20.03 -2.59 -27.56
C GLU A 148 -19.58 -1.39 -28.39
N ASN A 149 -18.28 -1.10 -28.41
CA ASN A 149 -17.76 0.06 -29.14
C ASN A 149 -17.84 -0.22 -30.64
N LYS A 150 -18.87 0.33 -31.29
CA LYS A 150 -19.08 0.05 -32.71
C LYS A 150 -18.09 0.80 -33.59
N GLU A 151 -17.72 2.03 -33.21
CA GLU A 151 -16.72 2.76 -33.98
C GLU A 151 -15.37 2.05 -33.92
N PHE A 152 -15.06 1.46 -32.76
CA PHE A 152 -13.85 0.63 -32.67
C PHE A 152 -13.93 -0.54 -33.62
N ALA A 153 -15.10 -1.19 -33.70
CA ALA A 153 -15.25 -2.32 -34.60
C ALA A 153 -15.03 -1.91 -36.05
N ARG A 154 -15.62 -0.79 -36.45
CA ARG A 154 -15.49 -0.36 -37.84
C ARG A 154 -14.06 0.10 -38.15
N CYS A 155 -13.41 0.79 -37.20
CA CYS A 155 -12.04 1.23 -37.43
C CYS A 155 -11.08 0.05 -37.50
N LEU A 156 -11.30 -0.97 -36.68
CA LEU A 156 -10.48 -2.18 -36.78
C LEU A 156 -10.74 -2.92 -38.10
N ALA A 157 -12.01 -2.97 -38.52
CA ALA A 157 -12.33 -3.59 -39.79
C ALA A 157 -11.68 -2.85 -40.95
N ALA A 158 -11.47 -1.54 -40.80
CA ALA A 158 -10.69 -0.80 -41.80
C ALA A 158 -9.27 -1.32 -41.89
N GLU A 159 -8.74 -1.87 -40.79
CA GLU A 159 -7.41 -2.46 -40.78
C GLU A 159 -7.51 -3.95 -41.08
N ASP A 160 -6.41 -4.68 -40.85
CA ASP A 160 -6.38 -6.11 -41.13
C ASP A 160 -6.17 -6.89 -39.85
N VAL A 161 -6.89 -6.52 -38.79
CA VAL A 161 -6.84 -7.21 -37.51
C VAL A 161 -8.25 -7.66 -37.15
N VAL A 162 -8.37 -8.91 -36.69
CA VAL A 162 -9.66 -9.53 -36.46
C VAL A 162 -10.10 -9.28 -35.01
N PHE A 163 -11.36 -8.92 -34.84
CA PHE A 163 -11.96 -8.68 -33.53
C PHE A 163 -12.67 -9.95 -33.07
N ILE A 164 -12.40 -10.37 -31.83
CA ILE A 164 -13.02 -11.56 -31.28
C ILE A 164 -14.25 -11.12 -30.51
N GLY A 165 -15.43 -11.36 -31.08
CA GLY A 165 -16.68 -10.98 -30.47
C GLY A 165 -17.80 -10.83 -31.47
N PRO A 166 -18.83 -10.09 -31.10
CA PRO A 166 -19.97 -9.91 -32.00
C PRO A 166 -19.66 -8.94 -33.14
N ASP A 167 -20.51 -9.00 -34.16
CA ASP A 167 -20.38 -8.11 -35.30
C ASP A 167 -21.02 -6.76 -34.99
N THR A 168 -20.67 -5.76 -35.80
CA THR A 168 -21.17 -4.41 -35.57
C THR A 168 -22.68 -4.34 -35.75
N HIS A 169 -23.23 -5.02 -36.75
CA HIS A 169 -24.66 -4.96 -37.02
C HIS A 169 -25.46 -5.48 -35.83
N ALA A 170 -25.05 -6.62 -35.27
CA ALA A 170 -25.76 -7.17 -34.12
C ALA A 170 -25.67 -6.25 -32.93
N ILE A 171 -24.49 -5.65 -32.70
CA ILE A 171 -24.32 -4.74 -31.58
C ILE A 171 -25.25 -3.55 -31.71
N GLN A 172 -25.29 -2.95 -32.90
CA GLN A 172 -26.16 -1.79 -33.12
C GLN A 172 -27.63 -2.18 -32.99
N ALA A 173 -28.01 -3.34 -33.52
CA ALA A 173 -29.40 -3.75 -33.47
C ALA A 173 -29.86 -4.02 -32.03
N MET A 174 -29.02 -4.67 -31.24
CA MET A 174 -29.43 -5.07 -29.89
C MET A 174 -29.18 -3.98 -28.86
N GLY A 175 -28.36 -2.98 -29.18
CA GLY A 175 -28.07 -1.93 -28.21
C GLY A 175 -29.29 -1.13 -27.82
N ASP A 176 -30.12 -0.77 -28.81
CA ASP A 176 -31.32 0.01 -28.53
C ASP A 176 -32.38 -0.88 -27.90
N LYS A 177 -32.94 -0.43 -26.77
CA LYS A 177 -33.99 -1.18 -26.10
C LYS A 177 -35.25 -1.27 -26.95
N ILE A 178 -35.63 -0.17 -27.61
CA ILE A 178 -36.81 -0.20 -28.47
C ILE A 178 -36.59 -1.14 -29.64
N GLU A 179 -35.43 -1.05 -30.28
CA GLU A 179 -35.11 -1.94 -31.39
C GLU A 179 -35.05 -3.39 -30.92
N SER A 180 -34.50 -3.61 -29.73
CA SER A 180 -34.45 -4.97 -29.18
C SER A 180 -35.84 -5.53 -28.99
N LYS A 181 -36.76 -4.74 -28.41
CA LYS A 181 -38.12 -5.21 -28.21
C LYS A 181 -38.83 -5.46 -29.55
N LEU A 182 -38.63 -4.57 -30.51
CA LEU A 182 -39.24 -4.73 -31.82
C LEU A 182 -38.77 -6.01 -32.50
N LEU A 183 -37.45 -6.23 -32.51
CA LEU A 183 -36.91 -7.44 -33.14
C LEU A 183 -37.35 -8.69 -32.38
N ALA A 184 -37.45 -8.59 -31.05
CA ALA A 184 -37.90 -9.73 -30.27
C ALA A 184 -39.34 -10.10 -30.62
N LYS A 185 -40.21 -9.11 -30.75
CA LYS A 185 -41.60 -9.44 -31.06
C LYS A 185 -41.80 -9.82 -32.51
N LYS A 186 -40.89 -9.44 -33.42
CA LYS A 186 -40.90 -10.08 -34.74
C LYS A 186 -40.38 -11.50 -34.66
N ALA A 187 -39.49 -11.78 -33.70
CA ALA A 187 -38.90 -13.10 -33.56
C ALA A 187 -39.85 -14.11 -32.94
N GLU A 188 -41.09 -13.71 -32.63
CA GLU A 188 -42.09 -14.59 -32.04
C GLU A 188 -41.59 -15.19 -30.72
N VAL A 189 -40.99 -14.35 -29.90
CA VAL A 189 -40.53 -14.73 -28.56
C VAL A 189 -41.31 -13.90 -27.56
N ASN A 190 -41.84 -14.56 -26.54
CA ASN A 190 -42.65 -13.88 -25.54
C ASN A 190 -41.86 -12.76 -24.88
N THR A 191 -42.50 -11.59 -24.76
CA THR A 191 -41.88 -10.40 -24.22
C THR A 191 -42.67 -9.89 -23.03
N ILE A 192 -42.10 -8.92 -22.33
CA ILE A 192 -42.76 -8.36 -21.15
C ILE A 192 -44.04 -7.65 -21.57
N PRO A 193 -45.18 -7.96 -20.97
CA PRO A 193 -46.42 -7.24 -21.33
C PRO A 193 -46.31 -5.76 -21.01
N GLY A 194 -46.91 -4.94 -21.87
CA GLY A 194 -46.89 -3.52 -21.68
C GLY A 194 -47.41 -2.80 -22.90
N PHE A 195 -47.33 -1.46 -22.83
CA PHE A 195 -47.78 -0.62 -23.92
C PHE A 195 -46.86 -0.78 -25.13
N ASP A 196 -47.46 -1.00 -26.30
CA ASP A 196 -46.71 -1.12 -27.55
C ASP A 196 -46.62 0.25 -28.20
N GLY A 197 -45.70 1.05 -27.69
CA GLY A 197 -45.51 2.40 -28.17
C GLY A 197 -44.78 3.23 -27.14
N VAL A 198 -44.86 4.55 -27.31
CA VAL A 198 -44.23 5.51 -26.41
C VAL A 198 -45.31 6.42 -25.85
N VAL A 199 -45.37 6.52 -24.52
CA VAL A 199 -46.32 7.38 -23.83
C VAL A 199 -45.69 8.75 -23.66
N LYS A 200 -46.48 9.80 -23.92
CA LYS A 200 -46.01 11.17 -23.85
C LYS A 200 -46.74 12.03 -22.83
N ASP A 201 -47.95 11.67 -22.43
CA ASP A 201 -48.75 12.46 -21.50
C ASP A 201 -49.31 11.55 -20.42
N ALA A 202 -49.81 12.19 -19.36
CA ALA A 202 -50.36 11.44 -18.24
C ALA A 202 -51.62 10.69 -18.62
N GLU A 203 -52.40 11.22 -19.57
CA GLU A 203 -53.65 10.56 -19.97
C GLU A 203 -53.37 9.19 -20.58
N GLU A 204 -52.40 9.11 -21.48
CA GLU A 204 -52.05 7.83 -22.07
C GLU A 204 -51.50 6.87 -21.01
N ALA A 205 -50.72 7.39 -20.07
CA ALA A 205 -50.16 6.54 -19.02
C ALA A 205 -51.26 5.95 -18.14
N VAL A 206 -52.23 6.78 -17.74
CA VAL A 206 -53.30 6.27 -16.89
C VAL A 206 -54.19 5.32 -17.67
N ARG A 207 -54.41 5.60 -18.97
CA ARG A 207 -55.19 4.68 -19.78
C ARG A 207 -54.50 3.31 -19.90
N ILE A 208 -53.18 3.31 -20.10
CA ILE A 208 -52.45 2.06 -20.19
C ILE A 208 -52.49 1.32 -18.85
N ALA A 209 -52.31 2.05 -17.75
CA ALA A 209 -52.37 1.42 -16.43
C ALA A 209 -53.74 0.80 -16.18
N ARG A 210 -54.80 1.45 -16.68
CA ARG A 210 -56.14 0.90 -16.52
C ARG A 210 -56.36 -0.33 -17.39
N GLU A 211 -55.93 -0.30 -18.64
CA GLU A 211 -56.30 -1.35 -19.59
C GLU A 211 -55.26 -2.46 -19.71
N ILE A 212 -54.15 -2.40 -18.98
CA ILE A 212 -53.23 -3.53 -18.85
C ILE A 212 -53.03 -3.94 -17.40
N GLY A 213 -52.60 -3.01 -16.55
CA GLY A 213 -52.33 -3.35 -15.16
C GLY A 213 -51.74 -2.19 -14.39
N TYR A 214 -52.26 -1.99 -13.18
CA TYR A 214 -51.84 -0.82 -12.38
C TYR A 214 -50.35 -0.83 -12.04
N PRO A 215 -49.74 -1.95 -11.59
CA PRO A 215 -48.28 -1.93 -11.37
C PRO A 215 -47.51 -1.92 -12.67
N VAL A 216 -47.31 -0.75 -13.26
CA VAL A 216 -46.60 -0.59 -14.53
C VAL A 216 -45.38 0.28 -14.29
N MET A 217 -44.22 -0.16 -14.79
CA MET A 217 -43.01 0.64 -14.67
C MET A 217 -43.11 1.89 -15.54
N ILE A 218 -42.64 3.00 -14.99
CA ILE A 218 -42.45 4.23 -15.76
C ILE A 218 -40.95 4.32 -16.08
N LYS A 219 -40.58 3.73 -17.22
CA LYS A 219 -39.19 3.63 -17.62
C LYS A 219 -38.99 4.36 -18.94
N ALA A 220 -38.01 5.25 -18.99
CA ALA A 220 -37.66 5.96 -20.21
C ALA A 220 -36.59 5.18 -20.95
N SER A 221 -36.01 5.79 -21.98
CA SER A 221 -34.99 5.14 -22.78
C SER A 221 -33.61 5.38 -22.16
N ALA A 222 -32.56 5.06 -22.92
CA ALA A 222 -31.17 5.16 -22.46
C ALA A 222 -30.98 4.32 -21.20
N GLY A 223 -30.76 4.98 -20.07
CA GLY A 223 -30.61 4.28 -18.81
C GLY A 223 -29.43 3.32 -18.76
N GLY A 224 -28.27 3.78 -19.23
CA GLY A 224 -27.09 2.94 -19.17
C GLY A 224 -26.68 2.61 -17.74
N GLY A 225 -26.87 3.56 -16.83
CA GLY A 225 -26.61 3.33 -15.42
C GLY A 225 -27.88 3.06 -14.63
N GLY A 226 -28.94 2.70 -15.34
CA GLY A 226 -30.21 2.45 -14.68
C GLY A 226 -31.03 3.68 -14.36
N LYS A 227 -30.73 4.81 -15.01
CA LYS A 227 -31.46 6.04 -14.78
C LYS A 227 -32.82 6.02 -15.47
N GLY A 228 -33.78 6.73 -14.86
CA GLY A 228 -35.13 6.76 -15.40
C GLY A 228 -35.84 5.43 -15.34
N MET A 229 -35.59 4.64 -14.30
CA MET A 229 -36.15 3.29 -14.14
C MET A 229 -37.15 3.26 -12.99
N ARG A 230 -37.99 4.29 -12.90
CA ARG A 230 -38.98 4.35 -11.85
C ARG A 230 -40.17 3.44 -12.17
N ILE A 231 -40.97 3.15 -11.14
CA ILE A 231 -42.10 2.24 -11.27
C ILE A 231 -43.34 2.90 -10.70
N ALA A 232 -44.49 2.64 -11.33
CA ALA A 232 -45.79 3.09 -10.86
C ALA A 232 -46.65 1.89 -10.47
N TRP A 233 -47.55 2.12 -9.51
CA TRP A 233 -48.38 1.04 -8.99
C TRP A 233 -49.88 1.32 -9.01
N ASP A 234 -50.31 2.54 -9.30
CA ASP A 234 -51.72 2.87 -9.31
C ASP A 234 -51.95 4.08 -10.19
N ASP A 235 -53.22 4.47 -10.34
CA ASP A 235 -53.57 5.57 -11.22
C ASP A 235 -52.99 6.89 -10.74
N GLU A 236 -52.97 7.11 -9.43
CA GLU A 236 -52.44 8.36 -8.89
C GLU A 236 -50.96 8.52 -9.20
N GLU A 237 -50.19 7.45 -9.09
CA GLU A 237 -48.76 7.51 -9.40
C GLU A 237 -48.54 7.81 -10.89
N THR A 238 -49.37 7.24 -11.76
CA THR A 238 -49.15 7.36 -13.20
C THR A 238 -49.36 8.76 -13.74
N ARG A 239 -49.62 9.76 -12.89
CA ARG A 239 -49.67 11.15 -13.33
C ARG A 239 -48.60 12.00 -12.67
N ASP A 240 -48.54 12.05 -11.33
CA ASP A 240 -47.51 12.85 -10.67
C ASP A 240 -46.14 12.21 -10.85
N GLY A 241 -46.04 10.90 -10.66
CA GLY A 241 -44.80 10.21 -10.96
C GLY A 241 -44.46 10.26 -12.44
N PHE A 242 -45.47 10.34 -13.31
CA PHE A 242 -45.20 10.50 -14.74
C PHE A 242 -44.52 11.84 -15.00
N ARG A 243 -45.07 12.92 -14.45
CA ARG A 243 -44.41 14.23 -14.52
C ARG A 243 -43.00 14.18 -13.96
N LEU A 244 -42.83 13.57 -12.78
CA LEU A 244 -41.52 13.51 -12.17
C LEU A 244 -40.52 12.77 -13.05
N SER A 245 -40.88 11.57 -13.50
CA SER A 245 -40.00 10.76 -14.34
C SER A 245 -39.66 11.48 -15.63
N SER A 246 -40.63 12.19 -16.22
CA SER A 246 -40.32 13.03 -17.37
C SER A 246 -39.29 14.09 -17.00
N GLN A 247 -39.38 14.65 -15.79
CA GLN A 247 -38.43 15.67 -15.36
C GLN A 247 -37.02 15.10 -15.28
N GLU A 248 -36.84 13.96 -14.60
CA GLU A 248 -35.49 13.40 -14.53
C GLU A 248 -35.01 12.90 -15.89
N ALA A 249 -35.91 12.40 -16.74
CA ALA A 249 -35.49 11.97 -18.07
C ALA A 249 -34.99 13.15 -18.89
N ALA A 250 -35.68 14.30 -18.80
CA ALA A 250 -35.20 15.50 -19.48
C ALA A 250 -33.88 15.97 -18.89
N SER A 251 -33.75 15.90 -17.56
CA SER A 251 -32.50 16.32 -16.92
C SER A 251 -31.34 15.41 -17.31
N SER A 252 -31.59 14.10 -17.38
CA SER A 252 -30.50 13.14 -17.58
C SER A 252 -30.13 12.99 -19.06
N PHE A 253 -31.06 12.51 -19.88
CA PHE A 253 -30.80 12.38 -21.32
C PHE A 253 -31.73 13.21 -22.19
N GLY A 254 -33.03 13.26 -21.88
CA GLY A 254 -33.94 14.16 -22.56
C GLY A 254 -34.67 13.59 -23.75
N ASP A 255 -34.35 12.37 -24.20
CA ASP A 255 -35.05 11.82 -25.35
C ASP A 255 -36.51 11.52 -25.05
N ASP A 256 -36.82 11.17 -23.80
CA ASP A 256 -38.20 10.99 -23.34
C ASP A 256 -38.95 9.94 -24.16
N ARG A 257 -38.26 8.86 -24.51
CA ARG A 257 -38.87 7.72 -25.20
C ARG A 257 -39.15 6.66 -24.14
N LEU A 258 -40.41 6.60 -23.70
CA LEU A 258 -40.78 5.74 -22.59
C LEU A 258 -41.04 4.32 -23.07
N LEU A 259 -40.74 3.35 -22.19
CA LEU A 259 -40.99 1.95 -22.47
C LEU A 259 -41.79 1.30 -21.36
N ILE A 260 -42.93 1.91 -21.01
CA ILE A 260 -43.74 1.42 -19.90
C ILE A 260 -44.19 0.00 -20.18
N GLU A 261 -44.13 -0.85 -19.15
CA GLU A 261 -44.51 -2.25 -19.28
C GLU A 261 -44.93 -2.78 -17.91
N LYS A 262 -45.71 -3.85 -17.94
CA LYS A 262 -46.30 -4.40 -16.73
C LYS A 262 -45.23 -4.98 -15.80
N PHE A 263 -45.40 -4.75 -14.51
CA PHE A 263 -44.48 -5.31 -13.51
C PHE A 263 -44.62 -6.82 -13.45
N ILE A 264 -43.49 -7.51 -13.32
CA ILE A 264 -43.45 -8.95 -13.16
C ILE A 264 -42.96 -9.22 -11.74
N ASP A 265 -43.84 -9.76 -10.90
CA ASP A 265 -43.51 -9.99 -9.51
C ASP A 265 -42.62 -11.23 -9.36
N ASN A 266 -41.92 -11.29 -8.22
CA ASN A 266 -41.05 -12.35 -7.72
C ASN A 266 -40.34 -13.13 -8.82
N PRO A 267 -39.59 -12.46 -9.71
CA PRO A 267 -38.93 -13.20 -10.79
C PRO A 267 -37.57 -13.71 -10.38
N ARG A 268 -36.95 -14.51 -11.24
CA ARG A 268 -35.57 -14.95 -11.03
C ARG A 268 -34.80 -14.75 -12.32
N HIS A 269 -33.74 -13.95 -12.28
CA HIS A 269 -32.96 -13.65 -13.47
C HIS A 269 -32.17 -14.87 -13.88
N ILE A 270 -32.48 -15.41 -15.06
CA ILE A 270 -31.82 -16.62 -15.55
C ILE A 270 -31.01 -16.26 -16.78
N GLU A 271 -29.84 -16.88 -16.91
CA GLU A 271 -28.94 -16.64 -18.03
C GLU A 271 -28.75 -17.92 -18.82
N ILE A 272 -28.94 -17.84 -20.14
CA ILE A 272 -28.72 -18.96 -21.04
C ILE A 272 -27.54 -18.62 -21.93
N GLN A 273 -26.53 -19.48 -21.93
CA GLN A 273 -25.30 -19.24 -22.68
C GLN A 273 -25.52 -19.67 -24.13
N VAL A 274 -25.66 -18.70 -25.03
CA VAL A 274 -25.84 -18.97 -26.45
C VAL A 274 -24.50 -18.80 -27.14
N LEU A 275 -24.02 -19.88 -27.75
CA LEU A 275 -22.78 -19.88 -28.50
C LEU A 275 -23.14 -19.87 -29.99
N GLY A 276 -22.72 -18.81 -30.67
CA GLY A 276 -22.95 -18.65 -32.09
C GLY A 276 -21.64 -18.55 -32.86
N ASP A 277 -21.77 -18.57 -34.17
CA ASP A 277 -20.61 -18.51 -35.05
C ASP A 277 -21.03 -17.94 -36.40
N LYS A 278 -20.03 -17.67 -37.24
CA LYS A 278 -20.28 -17.17 -38.57
C LYS A 278 -20.90 -18.22 -39.49
N HIS A 279 -20.97 -19.47 -39.05
CA HIS A 279 -21.55 -20.56 -39.83
C HIS A 279 -23.04 -20.71 -39.61
N GLY A 280 -23.66 -19.83 -38.83
CA GLY A 280 -25.11 -19.81 -38.68
C GLY A 280 -25.65 -20.58 -37.49
N ASN A 281 -25.20 -21.81 -37.28
CA ASN A 281 -25.77 -22.63 -36.22
C ASN A 281 -25.43 -22.07 -34.84
N ALA A 282 -26.37 -22.18 -33.91
CA ALA A 282 -26.22 -21.68 -32.56
C ALA A 282 -26.58 -22.78 -31.57
N LEU A 283 -25.91 -22.78 -30.42
CA LEU A 283 -26.07 -23.82 -29.42
C LEU A 283 -26.31 -23.19 -28.05
N TRP A 284 -27.28 -23.72 -27.30
CA TRP A 284 -27.55 -23.24 -25.95
C TRP A 284 -26.92 -24.18 -24.93
N LEU A 285 -26.29 -23.59 -23.91
CA LEU A 285 -25.49 -24.31 -22.93
C LEU A 285 -26.16 -24.20 -21.56
N ASN A 286 -27.09 -25.11 -21.28
CA ASN A 286 -27.77 -25.18 -19.99
C ASN A 286 -28.33 -23.82 -19.58
N GLU A 287 -28.19 -23.47 -18.30
CA GLU A 287 -28.72 -22.22 -17.79
C GLU A 287 -27.79 -21.68 -16.72
N ARG A 288 -28.18 -20.56 -16.13
CA ARG A 288 -27.39 -19.91 -15.09
C ARG A 288 -28.33 -19.03 -14.26
N GLU A 289 -28.50 -19.38 -12.99
CA GLU A 289 -29.34 -18.58 -12.11
C GLU A 289 -28.52 -17.46 -11.49
N CYS A 290 -29.01 -16.23 -11.62
CA CYS A 290 -28.37 -15.04 -11.08
C CYS A 290 -29.37 -14.21 -10.29
N SER A 291 -30.22 -14.89 -9.52
CA SER A 291 -31.32 -14.20 -8.84
C SER A 291 -30.80 -13.24 -7.77
N ILE A 292 -29.74 -13.63 -7.06
CA ILE A 292 -29.22 -12.78 -5.99
C ILE A 292 -28.58 -11.55 -6.60
N GLN A 293 -29.14 -10.38 -6.28
CA GLN A 293 -28.65 -9.14 -6.86
C GLN A 293 -28.79 -8.02 -5.83
N ARG A 294 -27.75 -7.19 -5.72
CA ARG A 294 -27.77 -5.99 -4.91
C ARG A 294 -27.55 -4.79 -5.81
N ARG A 295 -28.37 -3.76 -5.65
CA ARG A 295 -28.25 -2.52 -6.43
C ARG A 295 -28.17 -2.82 -7.93
N ASN A 296 -28.99 -3.77 -8.37
CA ASN A 296 -29.05 -4.17 -9.79
C ASN A 296 -27.70 -4.66 -10.30
N GLN A 297 -27.01 -5.47 -9.50
CA GLN A 297 -25.75 -6.07 -9.88
C GLN A 297 -25.68 -7.50 -9.37
N LYS A 298 -25.24 -8.41 -10.24
CA LYS A 298 -25.13 -9.81 -9.84
C LYS A 298 -24.03 -10.00 -8.82
N VAL A 299 -24.27 -10.88 -7.85
CA VAL A 299 -23.26 -11.19 -6.83
C VAL A 299 -23.03 -12.68 -6.74
N VAL A 300 -24.09 -13.47 -6.59
CA VAL A 300 -24.00 -14.92 -6.44
C VAL A 300 -24.70 -15.56 -7.61
N GLU A 301 -24.03 -16.50 -8.28
CA GLU A 301 -24.59 -17.16 -9.45
C GLU A 301 -24.38 -18.66 -9.34
N GLU A 302 -25.46 -19.43 -9.51
CA GLU A 302 -25.40 -20.87 -9.62
C GLU A 302 -25.93 -21.27 -10.98
N ALA A 303 -25.19 -22.11 -11.69
CA ALA A 303 -25.52 -22.38 -13.09
C ALA A 303 -26.73 -23.31 -13.24
N PRO A 304 -26.72 -24.54 -12.70
CA PRO A 304 -27.91 -25.39 -12.89
C PRO A 304 -29.05 -24.96 -11.99
N SER A 305 -29.83 -23.98 -12.44
CA SER A 305 -30.85 -23.35 -11.60
C SER A 305 -31.81 -24.38 -11.03
N ILE A 306 -32.07 -24.28 -9.73
CA ILE A 306 -32.88 -25.27 -9.03
C ILE A 306 -34.34 -25.17 -9.46
N PHE A 307 -34.84 -23.95 -9.64
CA PHE A 307 -36.26 -23.77 -9.95
C PHE A 307 -36.60 -24.26 -11.35
N LEU A 308 -35.63 -24.26 -12.25
CA LEU A 308 -35.89 -24.58 -13.66
C LEU A 308 -35.98 -26.08 -13.86
N ASP A 309 -36.95 -26.51 -14.66
CA ASP A 309 -37.17 -27.92 -14.94
C ASP A 309 -37.05 -28.19 -16.44
N ALA A 310 -36.97 -29.48 -16.78
CA ALA A 310 -36.45 -29.91 -18.08
C ALA A 310 -37.29 -29.36 -19.24
N GLU A 311 -38.62 -29.41 -19.11
CA GLU A 311 -39.46 -28.85 -20.17
C GLU A 311 -39.18 -27.37 -20.38
N THR A 312 -39.09 -26.62 -19.28
CA THR A 312 -38.75 -25.22 -19.39
C THR A 312 -37.30 -25.03 -19.83
N ARG A 313 -36.41 -25.97 -19.50
CA ARG A 313 -35.05 -25.92 -20.03
C ARG A 313 -35.08 -25.93 -21.56
N ARG A 314 -35.80 -26.89 -22.14
CA ARG A 314 -35.89 -26.97 -23.59
C ARG A 314 -36.57 -25.75 -24.17
N ALA A 315 -37.62 -25.26 -23.51
CA ALA A 315 -38.30 -24.06 -24.00
C ALA A 315 -37.36 -22.86 -24.03
N MET A 316 -36.58 -22.67 -22.97
CA MET A 316 -35.66 -21.55 -22.90
C MET A 316 -34.57 -21.69 -23.95
N GLY A 317 -34.04 -22.90 -24.12
CA GLY A 317 -33.01 -23.10 -25.13
C GLY A 317 -33.51 -22.81 -26.53
N GLU A 318 -34.70 -23.31 -26.85
CA GLU A 318 -35.26 -23.07 -28.18
C GLU A 318 -35.53 -21.58 -28.40
N GLN A 319 -36.10 -20.90 -27.40
CA GLN A 319 -36.37 -19.47 -27.55
C GLN A 319 -35.09 -18.68 -27.73
N ALA A 320 -34.06 -18.98 -26.93
CA ALA A 320 -32.81 -18.27 -27.04
C ALA A 320 -32.14 -18.52 -28.40
N VAL A 321 -32.14 -19.77 -28.87
CA VAL A 321 -31.53 -20.06 -30.15
C VAL A 321 -32.27 -19.37 -31.28
N ALA A 322 -33.61 -19.39 -31.24
CA ALA A 322 -34.38 -18.71 -32.27
C ALA A 322 -34.12 -17.21 -32.28
N LEU A 323 -34.04 -16.61 -31.08
CA LEU A 323 -33.75 -15.17 -31.01
C LEU A 323 -32.35 -14.87 -31.54
N ALA A 324 -31.39 -15.74 -31.24
CA ALA A 324 -30.04 -15.55 -31.77
C ALA A 324 -30.03 -15.63 -33.29
N ARG A 325 -30.77 -16.59 -33.86
CA ARG A 325 -30.87 -16.68 -35.30
C ARG A 325 -31.51 -15.43 -35.90
N ALA A 326 -32.55 -14.91 -35.24
CA ALA A 326 -33.18 -13.69 -35.71
C ALA A 326 -32.20 -12.53 -35.69
N VAL A 327 -31.41 -12.41 -34.61
CA VAL A 327 -30.37 -11.38 -34.54
C VAL A 327 -29.18 -11.71 -35.42
N LYS A 328 -29.06 -12.96 -35.86
CA LYS A 328 -27.89 -13.44 -36.62
C LYS A 328 -26.62 -13.27 -35.78
N TYR A 329 -26.70 -13.65 -34.52
CA TYR A 329 -25.53 -13.62 -33.64
C TYR A 329 -24.50 -14.65 -34.11
N SER A 330 -23.23 -14.26 -34.07
CA SER A 330 -22.16 -15.11 -34.57
C SER A 330 -21.03 -15.25 -33.54
N SER A 331 -21.36 -15.12 -32.26
CA SER A 331 -20.34 -15.16 -31.21
C SER A 331 -20.99 -15.73 -29.95
N ALA A 332 -20.33 -15.56 -28.82
CA ALA A 332 -20.82 -16.04 -27.54
C ALA A 332 -21.54 -14.91 -26.82
N GLY A 333 -22.72 -15.21 -26.28
CA GLY A 333 -23.49 -14.23 -25.54
C GLY A 333 -24.38 -14.92 -24.54
N THR A 334 -25.09 -14.11 -23.75
CA THR A 334 -26.02 -14.62 -22.76
C THR A 334 -27.40 -14.03 -22.99
N VAL A 335 -28.42 -14.88 -22.89
CA VAL A 335 -29.82 -14.45 -22.99
C VAL A 335 -30.36 -14.36 -21.57
N GLU A 336 -30.94 -13.21 -21.23
CA GLU A 336 -31.42 -12.95 -19.88
C GLU A 336 -32.94 -13.08 -19.86
N PHE A 337 -33.45 -13.89 -18.94
CA PHE A 337 -34.87 -14.17 -18.82
C PHE A 337 -35.35 -13.83 -17.42
N LEU A 338 -36.62 -13.42 -17.33
CA LEU A 338 -37.21 -12.98 -16.07
C LEU A 338 -38.39 -13.86 -15.68
N VAL A 339 -38.20 -15.18 -15.75
CA VAL A 339 -39.27 -16.10 -15.39
C VAL A 339 -39.69 -15.87 -13.94
N ASP A 340 -41.00 -15.78 -13.73
CA ASP A 340 -41.58 -15.52 -12.43
C ASP A 340 -42.13 -16.82 -11.84
N SER A 341 -42.81 -16.70 -10.70
CA SER A 341 -43.41 -17.87 -10.07
C SER A 341 -44.50 -18.51 -10.92
N LYS A 342 -45.05 -17.77 -11.87
CA LYS A 342 -46.09 -18.28 -12.76
C LYS A 342 -45.51 -18.89 -14.04
N LYS A 343 -44.18 -18.98 -14.14
CA LYS A 343 -43.50 -19.57 -15.29
C LYS A 343 -43.86 -18.82 -16.57
N ASN A 344 -44.00 -17.51 -16.48
CA ASN A 344 -44.25 -16.64 -17.63
C ASN A 344 -42.92 -15.98 -17.99
N PHE A 345 -42.13 -16.68 -18.79
CA PHE A 345 -40.82 -16.17 -19.19
C PHE A 345 -40.98 -14.94 -20.08
N TYR A 346 -40.11 -13.95 -19.83
CA TYR A 346 -40.12 -12.70 -20.57
C TYR A 346 -38.68 -12.32 -20.92
N PHE A 347 -38.41 -12.13 -22.21
CA PHE A 347 -37.07 -11.77 -22.65
C PHE A 347 -36.68 -10.38 -22.17
N LEU A 348 -35.65 -10.31 -21.32
CA LEU A 348 -35.17 -9.02 -20.85
C LEU A 348 -34.21 -8.38 -21.85
N GLU A 349 -33.07 -9.05 -22.10
CA GLU A 349 -32.03 -8.52 -22.96
C GLU A 349 -31.01 -9.62 -23.19
N MET A 350 -30.22 -9.47 -24.25
CA MET A 350 -29.18 -10.44 -24.60
C MET A 350 -27.87 -9.70 -24.72
N ASN A 351 -26.94 -9.95 -23.80
CA ASN A 351 -25.63 -9.33 -23.85
C ASN A 351 -24.82 -9.89 -25.02
N THR A 352 -24.24 -9.00 -25.81
CA THR A 352 -23.44 -9.41 -26.96
C THR A 352 -22.01 -9.77 -26.59
N ARG A 353 -21.57 -9.46 -25.38
CA ARG A 353 -20.21 -9.77 -24.94
C ARG A 353 -20.21 -11.00 -24.05
N LEU A 354 -19.01 -11.41 -23.64
CA LEU A 354 -18.87 -12.55 -22.75
C LEU A 354 -19.35 -12.19 -21.35
N GLN A 355 -20.17 -13.05 -20.77
CA GLN A 355 -20.72 -12.80 -19.45
C GLN A 355 -19.64 -12.96 -18.38
N VAL A 356 -19.79 -12.17 -17.31
CA VAL A 356 -18.81 -12.19 -16.23
C VAL A 356 -18.82 -13.54 -15.51
N GLU A 357 -20.00 -14.13 -15.34
CA GLU A 357 -20.17 -15.34 -14.55
C GLU A 357 -20.18 -16.61 -15.40
N HIS A 358 -19.43 -16.63 -16.49
CA HIS A 358 -19.32 -17.80 -17.36
C HIS A 358 -18.58 -19.00 -16.74
N PRO A 359 -17.61 -18.82 -15.83
CA PRO A 359 -16.89 -20.00 -15.33
C PRO A 359 -17.77 -21.03 -14.64
N VAL A 360 -18.90 -20.64 -14.06
CA VAL A 360 -19.77 -21.63 -13.45
C VAL A 360 -20.42 -22.51 -14.51
N THR A 361 -20.81 -21.92 -15.65
CA THR A 361 -21.29 -22.70 -16.78
C THR A 361 -20.18 -23.59 -17.33
N GLU A 362 -18.95 -23.07 -17.38
CA GLU A 362 -17.83 -23.88 -17.81
C GLU A 362 -17.64 -25.08 -16.90
N CYS A 363 -17.80 -24.88 -15.59
CA CYS A 363 -17.63 -25.97 -14.64
C CYS A 363 -18.72 -27.02 -14.80
N ILE A 364 -19.98 -26.59 -14.92
CA ILE A 364 -21.06 -27.57 -15.02
C ILE A 364 -21.00 -28.32 -16.34
N THR A 365 -20.62 -27.64 -17.42
CA THR A 365 -20.63 -28.25 -18.75
C THR A 365 -19.31 -28.90 -19.12
N GLY A 366 -18.25 -28.70 -18.34
CA GLY A 366 -16.95 -29.23 -18.72
C GLY A 366 -16.45 -28.69 -20.05
N LEU A 367 -16.62 -27.38 -20.27
CA LEU A 367 -16.27 -26.75 -21.54
C LEU A 367 -15.53 -25.46 -21.26
N ASP A 368 -14.74 -25.03 -22.24
CA ASP A 368 -14.00 -23.77 -22.17
C ASP A 368 -14.59 -22.80 -23.20
N LEU A 369 -15.22 -21.74 -22.71
CA LEU A 369 -15.87 -20.80 -23.63
C LEU A 369 -14.86 -19.95 -24.38
N VAL A 370 -13.76 -19.57 -23.73
CA VAL A 370 -12.78 -18.70 -24.37
C VAL A 370 -12.14 -19.39 -25.57
N GLN A 371 -11.73 -20.64 -25.39
CA GLN A 371 -11.11 -21.37 -26.50
C GLN A 371 -12.09 -21.56 -27.65
N GLU A 372 -13.35 -21.91 -27.33
CA GLU A 372 -14.33 -22.11 -28.38
C GLU A 372 -14.61 -20.82 -29.15
N MET A 373 -14.73 -19.69 -28.43
CA MET A 373 -15.01 -18.44 -29.12
C MET A 373 -13.81 -17.96 -29.92
N ILE A 374 -12.60 -18.21 -29.45
CA ILE A 374 -11.43 -17.82 -30.23
C ILE A 374 -11.29 -18.70 -31.46
N ARG A 375 -11.68 -19.97 -31.36
CA ARG A 375 -11.71 -20.83 -32.56
C ARG A 375 -12.77 -20.36 -33.54
N VAL A 376 -13.92 -19.92 -33.03
CA VAL A 376 -14.94 -19.34 -33.90
C VAL A 376 -14.39 -18.11 -34.61
N ALA A 377 -13.68 -17.25 -33.88
CA ALA A 377 -13.07 -16.08 -34.49
C ALA A 377 -12.03 -16.46 -35.53
N LYS A 378 -11.35 -17.59 -35.32
CA LYS A 378 -10.36 -18.06 -36.30
C LYS A 378 -11.02 -18.37 -37.63
N GLY A 379 -12.18 -19.01 -37.60
CA GLY A 379 -12.88 -19.37 -38.83
C GLY A 379 -13.45 -20.78 -38.77
N TYR A 380 -12.91 -21.61 -37.89
CA TYR A 380 -13.39 -22.97 -37.74
C TYR A 380 -14.82 -22.97 -37.20
N PRO A 381 -15.67 -23.86 -37.67
CA PRO A 381 -17.06 -23.90 -37.18
C PRO A 381 -17.13 -24.48 -35.78
N LEU A 382 -18.31 -24.35 -35.19
CA LEU A 382 -18.56 -24.92 -33.87
C LEU A 382 -18.40 -26.43 -33.89
N ARG A 383 -17.81 -26.97 -32.82
CA ARG A 383 -17.49 -28.39 -32.79
C ARG A 383 -18.18 -29.10 -31.63
N HIS A 384 -19.46 -28.80 -31.41
CA HIS A 384 -20.22 -29.45 -30.36
C HIS A 384 -21.68 -29.55 -30.79
N LYS A 385 -22.39 -30.47 -30.14
CA LYS A 385 -23.79 -30.72 -30.42
C LYS A 385 -24.60 -30.61 -29.14
N GLN A 386 -25.90 -30.38 -29.30
CA GLN A 386 -26.78 -30.25 -28.14
C GLN A 386 -26.78 -31.52 -27.29
N ALA A 387 -26.68 -32.69 -27.93
CA ALA A 387 -26.59 -33.93 -27.16
C ALA A 387 -25.31 -33.98 -26.34
N ASP A 388 -24.21 -33.46 -26.89
CA ASP A 388 -22.94 -33.47 -26.16
C ASP A 388 -23.00 -32.59 -24.92
N ILE A 389 -23.90 -31.61 -24.91
CA ILE A 389 -24.02 -30.68 -23.78
C ILE A 389 -24.89 -31.30 -22.71
N ARG A 390 -24.39 -31.29 -21.47
CA ARG A 390 -25.11 -31.90 -20.36
C ARG A 390 -24.74 -31.17 -19.07
N ILE A 391 -25.25 -31.68 -17.95
CA ILE A 391 -25.00 -31.14 -16.64
C ILE A 391 -24.11 -32.11 -15.87
N ASN A 392 -23.11 -31.56 -15.17
CA ASN A 392 -22.18 -32.36 -14.38
C ASN A 392 -22.20 -31.83 -12.94
N GLY A 393 -23.13 -32.34 -12.15
CA GLY A 393 -23.18 -31.97 -10.74
C GLY A 393 -23.76 -30.59 -10.55
N TRP A 394 -23.03 -29.76 -9.81
CA TRP A 394 -23.50 -28.44 -9.44
C TRP A 394 -22.29 -27.53 -9.22
N ALA A 395 -22.49 -26.23 -9.38
CA ALA A 395 -21.42 -25.27 -9.18
C ALA A 395 -22.00 -23.93 -8.78
N VAL A 396 -21.33 -23.26 -7.85
CA VAL A 396 -21.76 -21.97 -7.31
C VAL A 396 -20.58 -21.00 -7.34
N GLU A 397 -20.85 -19.75 -7.70
CA GLU A 397 -19.81 -18.74 -7.84
C GLU A 397 -20.22 -17.46 -7.13
N CYS A 398 -19.25 -16.83 -6.47
CA CYS A 398 -19.44 -15.54 -5.83
C CYS A 398 -18.35 -14.58 -6.29
N ARG A 399 -18.66 -13.28 -6.21
CA ARG A 399 -17.74 -12.22 -6.61
C ARG A 399 -17.20 -11.56 -5.35
N VAL A 400 -15.95 -11.86 -5.01
CA VAL A 400 -15.29 -11.19 -3.89
C VAL A 400 -14.92 -9.78 -4.36
N TYR A 401 -15.64 -8.78 -3.84
CA TYR A 401 -15.44 -7.39 -4.20
C TYR A 401 -14.71 -6.66 -3.09
N ALA A 402 -14.12 -5.52 -3.44
CA ALA A 402 -13.42 -4.68 -2.46
C ALA A 402 -14.38 -3.61 -1.92
N GLU A 403 -15.46 -4.07 -1.33
CA GLU A 403 -16.50 -3.20 -0.81
C GLU A 403 -16.91 -3.64 0.59
N ASP A 404 -17.42 -2.68 1.37
CA ASP A 404 -17.87 -2.97 2.72
C ASP A 404 -19.35 -3.31 2.68
N PRO A 405 -19.74 -4.56 2.97
CA PRO A 405 -21.15 -4.94 2.81
C PRO A 405 -22.08 -4.33 3.84
N TYR A 406 -21.56 -3.78 4.94
CA TYR A 406 -22.43 -3.22 5.97
C TYR A 406 -23.12 -1.94 5.51
N LYS A 407 -22.48 -1.18 4.63
CA LYS A 407 -22.98 0.12 4.20
C LYS A 407 -23.66 -0.04 2.84
N SER A 408 -24.98 0.09 2.82
CA SER A 408 -25.77 0.09 1.59
C SER A 408 -25.53 -1.16 0.75
N PHE A 409 -25.41 -2.31 1.42
CA PHE A 409 -25.21 -3.60 0.76
C PHE A 409 -23.98 -3.58 -0.14
N GLY A 410 -22.92 -2.92 0.33
CA GLY A 410 -21.71 -2.78 -0.44
C GLY A 410 -21.36 -1.34 -0.74
N LEU A 411 -20.39 -0.81 -0.01
CA LEU A 411 -19.86 0.53 -0.22
C LEU A 411 -18.36 0.41 -0.45
N PRO A 412 -17.90 0.58 -1.68
CA PRO A 412 -16.50 0.24 -2.00
C PRO A 412 -15.49 1.08 -1.24
N SER A 413 -14.36 0.45 -0.93
CA SER A 413 -13.25 1.09 -0.23
C SER A 413 -12.01 1.04 -1.13
N ILE A 414 -10.92 1.62 -0.64
CA ILE A 414 -9.66 1.69 -1.36
C ILE A 414 -8.54 1.27 -0.43
N GLY A 415 -7.49 0.68 -1.00
CA GLY A 415 -6.35 0.27 -0.21
C GLY A 415 -5.41 -0.60 -1.01
N ARG A 416 -4.43 -1.15 -0.31
CA ARG A 416 -3.42 -2.02 -0.88
C ARG A 416 -3.44 -3.36 -0.16
N LEU A 417 -3.30 -4.44 -0.93
CA LEU A 417 -3.32 -5.79 -0.36
C LEU A 417 -1.98 -6.06 0.31
N SER A 418 -1.95 -5.91 1.63
CA SER A 418 -0.76 -6.28 2.40
C SER A 418 -0.61 -7.78 2.56
N GLN A 419 -1.69 -8.54 2.41
CA GLN A 419 -1.63 -9.98 2.57
C GLN A 419 -2.74 -10.61 1.74
N TYR A 420 -2.39 -11.60 0.92
CA TYR A 420 -3.37 -12.23 0.04
C TYR A 420 -3.05 -13.71 -0.11
N GLN A 421 -4.03 -14.56 0.18
CA GLN A 421 -3.86 -16.00 0.03
C GLN A 421 -5.19 -16.61 -0.41
N GLU A 422 -5.13 -17.48 -1.41
CA GLU A 422 -6.27 -18.17 -1.98
C GLU A 422 -6.31 -19.62 -1.49
N PRO A 423 -7.50 -20.21 -1.33
CA PRO A 423 -7.62 -21.60 -0.88
C PRO A 423 -7.55 -22.60 -2.04
N LEU A 424 -6.50 -22.50 -2.85
CA LEU A 424 -6.36 -23.37 -4.01
C LEU A 424 -6.19 -24.83 -3.61
N HIS A 425 -5.58 -25.08 -2.45
CA HIS A 425 -5.39 -26.45 -1.99
C HIS A 425 -6.70 -27.13 -1.61
N LEU A 426 -7.73 -26.35 -1.28
CA LEU A 426 -9.01 -26.96 -0.92
C LEU A 426 -9.65 -27.61 -2.15
N PRO A 427 -10.27 -28.77 -1.97
CA PRO A 427 -10.83 -29.49 -3.13
C PRO A 427 -12.02 -28.76 -3.75
N GLY A 428 -12.11 -28.86 -5.07
CA GLY A 428 -13.23 -28.28 -5.80
C GLY A 428 -13.31 -26.77 -5.69
N VAL A 429 -12.18 -26.08 -5.80
CA VAL A 429 -12.11 -24.63 -5.67
C VAL A 429 -11.35 -24.07 -6.87
N ARG A 430 -11.95 -23.07 -7.53
CA ARG A 430 -11.30 -22.36 -8.63
C ARG A 430 -11.37 -20.87 -8.33
N VAL A 431 -10.23 -20.20 -8.47
CA VAL A 431 -10.13 -18.78 -8.16
C VAL A 431 -9.71 -18.06 -9.44
N ASP A 432 -10.54 -17.13 -9.90
CA ASP A 432 -10.20 -16.26 -11.02
C ASP A 432 -9.94 -14.88 -10.44
N SER A 433 -8.67 -14.53 -10.29
CA SER A 433 -8.28 -13.27 -9.67
C SER A 433 -7.21 -12.60 -10.51
N GLY A 434 -7.30 -11.27 -10.59
CA GLY A 434 -6.34 -10.50 -11.34
C GLY A 434 -5.43 -9.67 -10.45
N ILE A 435 -5.29 -10.07 -9.18
CA ILE A 435 -4.47 -9.35 -8.23
C ILE A 435 -3.55 -10.34 -7.52
N GLN A 436 -2.66 -9.78 -6.71
CA GLN A 436 -1.61 -10.53 -6.04
C GLN A 436 -1.21 -9.76 -4.79
N PRO A 437 -0.41 -10.36 -3.91
CA PRO A 437 0.09 -9.60 -2.76
C PRO A 437 0.79 -8.32 -3.21
N GLY A 438 0.45 -7.22 -2.55
CA GLY A 438 0.98 -5.92 -2.94
C GLY A 438 0.21 -5.19 -4.00
N SER A 439 -0.85 -5.78 -4.55
CA SER A 439 -1.66 -5.09 -5.54
C SER A 439 -2.42 -3.94 -4.89
N ASP A 440 -2.75 -2.94 -5.70
CA ASP A 440 -3.39 -1.72 -5.23
C ASP A 440 -4.75 -1.57 -5.88
N ILE A 441 -5.75 -1.24 -5.07
CA ILE A 441 -7.08 -0.93 -5.57
C ILE A 441 -7.15 0.58 -5.83
N SER A 442 -7.65 0.95 -7.01
CA SER A 442 -7.64 2.34 -7.44
C SER A 442 -9.06 2.78 -7.81
N ILE A 443 -9.25 4.10 -7.82
CA ILE A 443 -10.55 4.67 -8.13
C ILE A 443 -10.88 4.65 -9.61
N TYR A 444 -9.93 4.27 -10.45
CA TYR A 444 -10.14 4.33 -11.89
C TYR A 444 -10.80 3.09 -12.46
N TYR A 445 -10.97 2.03 -11.67
CA TYR A 445 -11.48 0.79 -12.21
C TYR A 445 -12.52 0.13 -11.29
N ASP A 446 -12.97 -1.05 -11.68
CA ASP A 446 -14.05 -1.73 -10.95
C ASP A 446 -13.55 -2.24 -9.60
N PRO A 447 -14.32 -2.06 -8.52
CA PRO A 447 -13.93 -2.54 -7.19
C PRO A 447 -14.13 -4.04 -7.04
N MET A 448 -13.24 -4.82 -7.64
CA MET A 448 -13.32 -6.27 -7.62
C MET A 448 -12.02 -6.83 -7.07
N ILE A 449 -12.11 -7.95 -6.37
CA ILE A 449 -10.95 -8.64 -5.84
C ILE A 449 -10.73 -9.98 -6.54
N SER A 450 -11.77 -10.81 -6.61
CA SER A 450 -11.63 -12.13 -7.23
C SER A 450 -13.01 -12.70 -7.52
N LYS A 451 -13.02 -13.84 -8.20
CA LYS A 451 -14.21 -14.65 -8.38
C LYS A 451 -13.92 -16.05 -7.87
N LEU A 452 -14.80 -16.56 -7.00
CA LEU A 452 -14.62 -17.86 -6.38
C LEU A 452 -15.70 -18.80 -6.90
N ILE A 453 -15.28 -19.93 -7.45
CA ILE A 453 -16.20 -20.90 -8.04
C ILE A 453 -15.92 -22.26 -7.41
N THR A 454 -16.96 -22.88 -6.85
CA THR A 454 -16.83 -24.19 -6.24
C THR A 454 -17.83 -25.14 -6.90
N TYR A 455 -17.35 -26.33 -7.26
CA TYR A 455 -18.16 -27.32 -7.94
C TYR A 455 -18.17 -28.62 -7.14
N GLY A 456 -19.33 -29.26 -7.07
CA GLY A 456 -19.48 -30.53 -6.41
C GLY A 456 -20.45 -31.43 -7.15
N SER A 457 -20.59 -32.66 -6.64
CA SER A 457 -21.53 -33.60 -7.23
C SER A 457 -22.98 -33.25 -6.92
N ASP A 458 -23.22 -32.35 -5.98
CA ASP A 458 -24.56 -31.92 -5.63
C ASP A 458 -24.51 -30.48 -5.15
N ARG A 459 -25.67 -29.84 -5.12
CA ARG A 459 -25.73 -28.45 -4.69
C ARG A 459 -25.25 -28.29 -3.25
N THR A 460 -25.63 -29.22 -2.37
CA THR A 460 -25.19 -29.14 -0.99
C THR A 460 -23.68 -29.28 -0.87
N GLU A 461 -23.09 -30.21 -1.62
CA GLU A 461 -21.63 -30.36 -1.59
C GLU A 461 -20.94 -29.12 -2.11
N ALA A 462 -21.46 -28.52 -3.18
CA ALA A 462 -20.88 -27.30 -3.71
C ALA A 462 -20.96 -26.17 -2.68
N LEU A 463 -22.10 -26.05 -2.00
CA LEU A 463 -22.25 -25.00 -0.99
C LEU A 463 -21.30 -25.23 0.19
N LYS A 464 -21.15 -26.48 0.61
CA LYS A 464 -20.23 -26.79 1.71
C LYS A 464 -18.80 -26.45 1.33
N ARG A 465 -18.39 -26.85 0.12
CA ARG A 465 -17.03 -26.53 -0.32
C ARG A 465 -16.85 -25.02 -0.47
N MET A 466 -17.89 -24.31 -0.88
CA MET A 466 -17.78 -22.86 -0.99
C MET A 466 -17.62 -22.21 0.37
N ALA A 467 -18.35 -22.68 1.38
CA ALA A 467 -18.17 -22.17 2.73
C ALA A 467 -16.76 -22.46 3.23
N ASP A 468 -16.25 -23.67 2.96
CA ASP A 468 -14.89 -24.01 3.37
C ASP A 468 -13.87 -23.10 2.69
N ALA A 469 -14.05 -22.83 1.40
CA ALA A 469 -13.14 -21.95 0.69
C ALA A 469 -13.21 -20.53 1.23
N LEU A 470 -14.42 -20.04 1.50
CA LEU A 470 -14.56 -18.69 2.04
C LEU A 470 -13.92 -18.56 3.41
N ASP A 471 -13.90 -19.64 4.19
CA ASP A 471 -13.27 -19.59 5.49
C ASP A 471 -11.75 -19.71 5.43
N ASN A 472 -11.19 -20.11 4.29
CA ASN A 472 -9.75 -20.30 4.14
C ASN A 472 -9.15 -19.30 3.15
N TYR A 473 -9.71 -18.11 3.08
CA TYR A 473 -9.34 -17.11 2.08
C TYR A 473 -8.87 -15.87 2.82
N VAL A 474 -7.62 -15.48 2.59
CA VAL A 474 -6.94 -14.45 3.37
C VAL A 474 -6.85 -13.17 2.55
N ILE A 475 -7.50 -12.11 3.02
CA ILE A 475 -7.38 -10.78 2.44
C ILE A 475 -7.15 -9.76 3.54
N ARG A 476 -5.95 -9.18 3.59
CA ARG A 476 -5.63 -8.14 4.56
C ARG A 476 -5.11 -6.92 3.81
N GLY A 477 -5.74 -5.78 4.06
CA GLY A 477 -5.38 -4.54 3.41
C GLY A 477 -6.58 -3.72 2.98
N VAL A 478 -7.69 -4.39 2.66
CA VAL A 478 -8.92 -3.74 2.25
C VAL A 478 -10.08 -4.41 2.97
N THR A 479 -11.26 -3.82 2.83
CA THR A 479 -12.49 -4.35 3.41
C THR A 479 -13.27 -5.07 2.31
N HIS A 480 -13.29 -6.40 2.38
CA HIS A 480 -14.00 -7.22 1.41
C HIS A 480 -15.43 -7.44 1.89
N ASN A 481 -16.15 -8.32 1.19
CA ASN A 481 -17.54 -8.64 1.55
C ASN A 481 -17.74 -10.14 1.66
N ILE A 482 -16.72 -10.87 2.13
CA ILE A 482 -16.85 -12.32 2.27
C ILE A 482 -17.93 -12.67 3.27
N ALA A 483 -18.14 -11.83 4.29
CA ALA A 483 -19.18 -12.11 5.27
C ALA A 483 -20.53 -12.27 4.60
N LEU A 484 -20.93 -11.26 3.82
CA LEU A 484 -22.24 -11.26 3.17
C LEU A 484 -22.41 -12.49 2.29
N LEU A 485 -21.38 -12.84 1.53
CA LEU A 485 -21.45 -14.07 0.73
C LEU A 485 -21.65 -15.27 1.62
N ARG A 486 -21.04 -15.28 2.81
CA ARG A 486 -21.20 -16.41 3.71
C ARG A 486 -22.65 -16.56 4.17
N GLU A 487 -23.28 -15.47 4.64
CA GLU A 487 -24.67 -15.62 5.04
C GLU A 487 -25.55 -15.93 3.84
N VAL A 488 -25.20 -15.45 2.65
CA VAL A 488 -26.00 -15.75 1.47
C VAL A 488 -25.98 -17.24 1.17
N ILE A 489 -24.79 -17.85 1.21
CA ILE A 489 -24.69 -19.28 0.86
C ILE A 489 -25.06 -20.19 2.01
N ILE A 490 -25.23 -19.67 3.23
CA ILE A 490 -25.73 -20.49 4.34
C ILE A 490 -27.13 -20.10 4.77
N ASN A 491 -27.78 -19.19 4.04
CA ASN A 491 -29.14 -18.80 4.37
C ASN A 491 -30.10 -19.96 4.11
N SER A 492 -31.12 -20.05 4.97
CA SER A 492 -32.08 -21.16 4.87
C SER A 492 -32.87 -21.08 3.57
N ARG A 493 -33.34 -19.89 3.21
CA ARG A 493 -34.11 -19.74 1.97
C ARG A 493 -33.25 -20.07 0.75
N PHE A 494 -32.01 -19.59 0.73
CA PHE A 494 -31.13 -19.87 -0.39
C PHE A 494 -30.84 -21.36 -0.52
N VAL A 495 -30.62 -22.04 0.61
CA VAL A 495 -30.39 -23.48 0.59
C VAL A 495 -31.63 -24.21 0.08
N LYS A 496 -32.80 -23.80 0.55
CA LYS A 496 -34.04 -24.43 0.10
C LYS A 496 -34.27 -24.19 -1.38
N GLY A 497 -34.04 -22.97 -1.85
CA GLY A 497 -34.21 -22.66 -3.25
C GLY A 497 -35.12 -21.47 -3.51
N ASP A 498 -35.91 -21.09 -2.51
CA ASP A 498 -36.83 -19.97 -2.67
C ASP A 498 -36.07 -18.65 -2.67
N ILE A 499 -35.72 -18.16 -3.85
CA ILE A 499 -34.96 -16.93 -4.01
C ILE A 499 -35.57 -16.10 -5.13
N SER A 500 -35.60 -14.79 -4.94
CA SER A 500 -36.13 -13.85 -5.91
C SER A 500 -35.15 -12.70 -6.08
N THR A 501 -35.42 -11.84 -7.06
CA THR A 501 -34.55 -10.68 -7.28
C THR A 501 -34.59 -9.69 -6.12
N LYS A 502 -35.65 -9.73 -5.30
CA LYS A 502 -35.74 -8.91 -4.10
C LYS A 502 -35.26 -9.66 -2.86
N PHE A 503 -34.35 -10.62 -3.04
CA PHE A 503 -33.87 -11.42 -1.92
C PHE A 503 -33.20 -10.55 -0.87
N LEU A 504 -32.25 -9.72 -1.30
CA LEU A 504 -31.53 -8.89 -0.34
C LEU A 504 -32.42 -7.81 0.27
N SER A 505 -33.41 -7.32 -0.49
CA SER A 505 -34.26 -6.25 0.00
C SER A 505 -35.08 -6.71 1.20
N ASP A 506 -35.64 -7.92 1.14
CA ASP A 506 -36.54 -8.36 2.20
C ASP A 506 -35.85 -9.24 3.24
N VAL A 507 -34.81 -9.99 2.86
CA VAL A 507 -34.09 -10.79 3.86
C VAL A 507 -33.41 -9.89 4.87
N TYR A 508 -32.79 -8.81 4.39
CA TYR A 508 -32.19 -7.78 5.25
C TYR A 508 -32.87 -6.45 4.93
N PRO A 509 -33.98 -6.14 5.57
CA PRO A 509 -34.68 -4.87 5.29
C PRO A 509 -33.85 -3.66 5.69
N ASP A 510 -33.37 -3.64 6.93
CA ASP A 510 -32.59 -2.51 7.42
C ASP A 510 -31.20 -2.47 6.80
N GLY A 511 -30.70 -3.59 6.30
CA GLY A 511 -29.37 -3.70 5.75
C GLY A 511 -28.64 -4.89 6.32
N PHE A 512 -27.37 -5.00 5.93
CA PHE A 512 -26.55 -6.12 6.38
C PHE A 512 -26.08 -5.85 7.81
N LYS A 513 -26.35 -6.80 8.70
CA LYS A 513 -25.99 -6.67 10.10
C LYS A 513 -24.85 -7.59 10.52
N GLY A 514 -24.70 -8.74 9.88
CA GLY A 514 -23.70 -9.72 10.23
C GLY A 514 -24.32 -11.07 10.49
N HIS A 515 -23.47 -12.01 10.89
CA HIS A 515 -23.92 -13.36 11.20
C HIS A 515 -24.45 -13.40 12.62
N MET A 516 -25.71 -13.80 12.78
CA MET A 516 -26.32 -13.92 14.09
C MET A 516 -25.84 -15.22 14.74
N LEU A 517 -25.06 -15.10 15.80
CA LEU A 517 -24.47 -16.26 16.44
C LEU A 517 -25.51 -17.03 17.25
N THR A 518 -25.53 -18.35 17.07
CA THR A 518 -26.33 -19.19 17.94
C THR A 518 -25.63 -19.34 19.29
N LYS A 519 -26.39 -19.86 20.27
CA LYS A 519 -25.84 -20.02 21.61
C LYS A 519 -24.64 -20.97 21.59
N SER A 520 -24.77 -22.10 20.90
CA SER A 520 -23.65 -23.02 20.79
C SER A 520 -22.48 -22.38 20.04
N GLU A 521 -22.76 -21.66 18.96
CA GLU A 521 -21.70 -21.01 18.22
C GLU A 521 -21.06 -19.88 19.02
N LYS A 522 -21.87 -19.15 19.79
CA LYS A 522 -21.30 -18.11 20.65
C LYS A 522 -20.38 -18.71 21.70
N ASN A 523 -20.78 -19.84 22.29
CA ASN A 523 -19.92 -20.52 23.25
C ASN A 523 -18.62 -20.97 22.58
N GLN A 524 -18.72 -21.51 21.36
CA GLN A 524 -17.52 -21.94 20.65
C GLN A 524 -16.59 -20.76 20.38
N LEU A 525 -17.15 -19.63 19.98
CA LEU A 525 -16.33 -18.45 19.72
C LEU A 525 -15.64 -17.96 20.99
N LEU A 526 -16.37 -17.91 22.10
CA LEU A 526 -15.76 -17.47 23.35
C LEU A 526 -14.66 -18.43 23.78
N ALA A 527 -14.88 -19.74 23.63
CA ALA A 527 -13.87 -20.72 23.97
C ALA A 527 -12.62 -20.54 23.12
N ILE A 528 -12.80 -20.32 21.82
CA ILE A 528 -11.64 -20.16 20.93
C ILE A 528 -10.86 -18.90 21.30
N ALA A 529 -11.57 -17.80 21.56
CA ALA A 529 -10.89 -16.56 21.93
C ALA A 529 -10.11 -16.73 23.23
N SER A 530 -10.73 -17.36 24.23
CA SER A 530 -10.04 -17.57 25.50
C SER A 530 -8.82 -18.46 25.33
N SER A 531 -8.95 -19.52 24.52
CA SER A 531 -7.83 -20.41 24.29
C SER A 531 -6.68 -19.68 23.61
N LEU A 532 -7.00 -18.83 22.62
CA LEU A 532 -5.95 -18.05 21.97
C LEU A 532 -5.26 -17.11 22.94
N PHE A 533 -6.04 -16.44 23.80
CA PHE A 533 -5.46 -15.53 24.78
C PHE A 533 -4.49 -16.26 25.71
N VAL A 534 -4.92 -17.41 26.24
CA VAL A 534 -4.06 -18.17 27.14
C VAL A 534 -2.82 -18.69 26.40
N ALA A 535 -2.99 -19.09 25.14
CA ALA A 535 -1.85 -19.56 24.37
C ALA A 535 -0.83 -18.45 24.16
N PHE A 536 -1.31 -17.23 23.90
CA PHE A 536 -0.40 -16.10 23.74
C PHE A 536 0.36 -15.83 25.03
N GLN A 537 -0.33 -15.85 26.17
CA GLN A 537 0.37 -15.65 27.44
C GLN A 537 1.42 -16.73 27.68
N LEU A 538 1.05 -17.99 27.43
CA LEU A 538 1.98 -19.10 27.67
C LEU A 538 3.21 -18.98 26.79
N ARG A 539 3.02 -18.60 25.52
CA ARG A 539 4.18 -18.37 24.66
C ARG A 539 5.02 -17.22 25.17
N ALA A 540 4.38 -16.16 25.68
CA ALA A 540 5.12 -15.04 26.23
C ALA A 540 5.98 -15.45 27.40
N GLN A 541 5.59 -16.49 28.13
CA GLN A 541 6.39 -16.94 29.26
C GLN A 541 7.65 -17.71 28.87
N HIS A 542 7.84 -18.04 27.60
CA HIS A 542 8.93 -18.93 27.17
C HIS A 542 10.12 -18.10 26.69
N PHE A 543 11.18 -18.10 27.47
CA PHE A 543 12.44 -17.45 27.11
C PHE A 543 13.51 -18.50 26.88
N GLN A 544 14.71 -18.03 26.54
CA GLN A 544 15.87 -18.91 26.47
C GLN A 544 16.59 -18.92 27.81
N GLU A 545 17.44 -19.92 27.99
CA GLU A 545 18.19 -20.05 29.23
C GLU A 545 19.17 -18.90 29.39
N ASN A 546 19.27 -18.38 30.62
CA ASN A 546 20.13 -17.24 30.90
C ASN A 546 21.39 -17.60 31.67
N SER A 547 21.31 -18.59 32.57
CA SER A 547 22.45 -19.12 33.30
C SER A 547 23.05 -18.10 34.27
N ARG A 548 22.52 -16.88 34.27
CA ARG A 548 22.86 -15.86 35.26
C ARG A 548 21.69 -15.51 36.15
N MET A 549 20.51 -15.32 35.56
CA MET A 549 19.26 -15.17 36.31
C MET A 549 18.26 -16.13 35.71
N PRO A 550 18.22 -17.38 36.19
CA PRO A 550 17.27 -18.35 35.65
C PRO A 550 15.83 -17.90 35.81
N VAL A 551 15.03 -18.20 34.80
CA VAL A 551 13.62 -17.78 34.79
C VAL A 551 12.80 -18.77 35.59
N ILE A 552 12.07 -18.27 36.57
CA ILE A 552 11.19 -19.08 37.41
C ILE A 552 9.80 -19.00 36.79
N LYS A 553 9.46 -19.99 35.98
CA LYS A 553 8.20 -19.97 35.26
C LYS A 553 7.03 -20.07 36.24
N PRO A 554 6.03 -19.21 36.12
CA PRO A 554 4.85 -19.34 36.98
C PRO A 554 4.11 -20.64 36.69
N ASP A 555 3.47 -21.17 37.73
CA ASP A 555 2.82 -22.47 37.66
C ASP A 555 1.31 -22.33 37.82
N ILE A 556 0.72 -21.32 37.17
CA ILE A 556 -0.72 -21.15 37.18
C ILE A 556 -1.37 -22.30 36.44
N ALA A 557 -2.50 -22.78 36.95
CA ALA A 557 -3.22 -23.89 36.34
C ALA A 557 -4.57 -23.50 35.78
N ASN A 558 -5.22 -22.47 36.31
CA ASN A 558 -6.51 -22.02 35.84
C ASN A 558 -6.47 -20.52 35.57
N TRP A 559 -7.06 -20.10 34.46
CA TRP A 559 -7.16 -18.70 34.11
C TRP A 559 -8.62 -18.29 34.18
N GLU A 560 -8.92 -17.30 35.02
CA GLU A 560 -10.26 -16.76 35.16
C GLU A 560 -10.32 -15.45 34.38
N LEU A 561 -11.07 -15.46 33.29
CA LEU A 561 -11.11 -14.33 32.36
C LEU A 561 -12.51 -13.76 32.28
N SER A 562 -12.57 -12.47 31.96
CA SER A 562 -13.80 -11.76 31.64
C SER A 562 -13.72 -11.38 30.17
N VAL A 563 -14.69 -11.84 29.38
CA VAL A 563 -14.71 -11.64 27.94
C VAL A 563 -15.94 -10.82 27.59
N LYS A 564 -15.73 -9.70 26.92
CA LYS A 564 -16.79 -8.74 26.62
C LYS A 564 -17.10 -8.82 25.12
N LEU A 565 -18.05 -9.68 24.77
CA LEU A 565 -18.51 -9.81 23.39
C LEU A 565 -19.78 -8.99 23.20
N HIS A 566 -19.80 -8.18 22.15
CA HIS A 566 -20.93 -7.29 21.87
C HIS A 566 -21.21 -6.38 23.06
N ASP A 567 -22.18 -6.76 23.88
CA ASP A 567 -22.55 -5.99 25.07
C ASP A 567 -22.48 -6.78 26.35
N LYS A 568 -22.82 -8.07 26.32
CA LYS A 568 -22.77 -8.89 27.51
C LYS A 568 -21.33 -9.17 27.93
N VAL A 569 -21.16 -9.50 29.21
CA VAL A 569 -19.86 -9.84 29.77
C VAL A 569 -19.94 -11.26 30.30
N HIS A 570 -19.01 -12.11 29.87
CA HIS A 570 -19.02 -13.52 30.20
C HIS A 570 -17.81 -13.87 31.06
N THR A 571 -18.02 -14.78 32.00
CA THR A 571 -16.94 -15.27 32.86
C THR A 571 -16.50 -16.63 32.34
N VAL A 572 -15.21 -16.76 32.06
CA VAL A 572 -14.64 -17.95 31.43
C VAL A 572 -13.55 -18.49 32.33
N VAL A 573 -13.47 -19.81 32.45
CA VAL A 573 -12.41 -20.48 33.18
C VAL A 573 -11.69 -21.42 32.22
N ALA A 574 -10.42 -21.14 31.95
CA ALA A 574 -9.64 -21.90 30.98
C ALA A 574 -8.52 -22.65 31.67
N SER A 575 -8.35 -23.93 31.32
CA SER A 575 -7.27 -24.74 31.83
C SER A 575 -6.55 -25.39 30.65
N ASN A 576 -5.24 -25.52 30.77
CA ASN A 576 -4.41 -26.03 29.70
C ASN A 576 -3.84 -27.39 30.08
N ASN A 577 -3.77 -28.30 29.11
CA ASN A 577 -3.16 -29.61 29.32
C ASN A 577 -2.55 -30.02 27.98
N GLY A 578 -1.23 -29.87 27.86
CA GLY A 578 -0.56 -30.13 26.60
C GLY A 578 -1.07 -29.23 25.51
N SER A 579 -1.80 -29.79 24.55
CA SER A 579 -2.40 -29.03 23.47
C SER A 579 -3.92 -29.00 23.55
N VAL A 580 -4.50 -29.29 24.70
CA VAL A 580 -5.94 -29.33 24.88
C VAL A 580 -6.34 -28.30 25.92
N PHE A 581 -7.31 -27.46 25.59
CA PHE A 581 -7.81 -26.43 26.48
C PHE A 581 -9.21 -26.81 26.93
N SER A 582 -9.39 -26.96 28.24
CA SER A 582 -10.71 -27.18 28.83
C SER A 582 -11.24 -25.82 29.24
N VAL A 583 -12.33 -25.39 28.60
CA VAL A 583 -12.86 -24.04 28.77
C VAL A 583 -14.28 -24.15 29.28
N GLU A 584 -14.57 -23.48 30.39
CA GLU A 584 -15.91 -23.39 30.93
C GLU A 584 -16.42 -21.97 30.72
N VAL A 585 -17.48 -21.84 29.91
CA VAL A 585 -18.13 -20.58 29.64
C VAL A 585 -19.50 -20.63 30.27
N ASP A 586 -19.69 -19.83 31.33
CA ASP A 586 -20.98 -19.73 32.02
C ASP A 586 -21.49 -21.11 32.45
N GLY A 587 -20.56 -22.02 32.76
CA GLY A 587 -20.93 -23.36 33.17
C GLY A 587 -20.75 -24.40 32.07
N SER A 588 -21.02 -24.02 30.83
CA SER A 588 -20.90 -24.96 29.72
C SER A 588 -19.44 -25.33 29.50
N LYS A 589 -19.18 -26.61 29.32
CA LYS A 589 -17.81 -27.12 29.22
C LYS A 589 -17.49 -27.48 27.77
N LEU A 590 -16.31 -27.07 27.32
CA LEU A 590 -15.87 -27.35 25.96
C LEU A 590 -14.39 -27.73 25.99
N ASN A 591 -13.97 -28.48 24.98
CA ASN A 591 -12.57 -28.88 24.81
C ASN A 591 -12.10 -28.42 23.45
N VAL A 592 -11.10 -27.54 23.42
CA VAL A 592 -10.56 -26.99 22.19
C VAL A 592 -9.14 -27.51 22.03
N THR A 593 -8.89 -28.20 20.93
CA THR A 593 -7.57 -28.74 20.66
C THR A 593 -7.12 -28.29 19.28
N SER A 594 -5.85 -27.92 19.17
CA SER A 594 -5.27 -27.41 17.93
C SER A 594 -3.76 -27.42 18.09
N THR A 595 -3.07 -27.17 16.97
CA THR A 595 -1.62 -27.05 17.02
C THR A 595 -1.17 -25.71 17.60
N TRP A 596 -2.06 -24.72 17.63
CA TRP A 596 -1.80 -23.42 18.26
C TRP A 596 -0.57 -22.75 17.68
N ASN A 597 -0.52 -22.66 16.35
CA ASN A 597 0.50 -21.87 15.67
C ASN A 597 0.05 -20.41 15.68
N LEU A 598 0.79 -19.57 16.40
CA LEU A 598 0.39 -18.19 16.60
C LEU A 598 0.89 -17.25 15.51
N ALA A 599 1.61 -17.76 14.52
CA ALA A 599 2.11 -16.93 13.43
C ALA A 599 1.40 -17.16 12.12
N SER A 600 0.74 -18.30 11.93
CA SER A 600 0.02 -18.55 10.70
C SER A 600 -1.25 -17.71 10.66
N PRO A 601 -1.59 -17.13 9.50
CA PRO A 601 -2.84 -16.35 9.42
C PRO A 601 -4.09 -17.16 9.69
N LEU A 602 -4.12 -18.42 9.29
CA LEU A 602 -5.27 -19.29 9.48
C LEU A 602 -4.98 -20.29 10.59
N LEU A 603 -5.89 -20.42 11.54
CA LEU A 603 -5.74 -21.37 12.63
C LEU A 603 -6.96 -22.29 12.67
N SER A 604 -6.71 -23.59 12.65
CA SER A 604 -7.77 -24.59 12.67
C SER A 604 -7.87 -25.18 14.07
N VAL A 605 -9.07 -25.11 14.66
CA VAL A 605 -9.34 -25.65 15.98
C VAL A 605 -10.38 -26.74 15.85
N SER A 606 -10.48 -27.55 16.89
CA SER A 606 -11.28 -28.78 16.91
C SER A 606 -12.25 -28.76 18.07
N VAL A 607 -13.05 -27.70 18.15
CA VAL A 607 -13.92 -27.47 19.31
C VAL A 607 -14.97 -28.57 19.41
N ASP A 608 -14.81 -29.45 20.39
CA ASP A 608 -15.77 -30.53 20.65
C ASP A 608 -16.00 -31.39 19.42
N GLY A 609 -14.92 -31.67 18.69
CA GLY A 609 -15.02 -32.45 17.47
C GLY A 609 -15.34 -31.61 16.25
N THR A 610 -16.05 -30.52 16.45
CA THR A 610 -16.40 -29.63 15.35
C THR A 610 -15.17 -28.84 14.92
N GLN A 611 -14.79 -28.98 13.65
CA GLN A 611 -13.61 -28.31 13.12
C GLN A 611 -14.00 -26.91 12.66
N ARG A 612 -13.29 -25.91 13.17
CA ARG A 612 -13.57 -24.52 12.85
C ARG A 612 -12.26 -23.82 12.49
N THR A 613 -12.27 -23.07 11.39
CA THR A 613 -11.11 -22.29 10.97
C THR A 613 -11.35 -20.82 11.30
N VAL A 614 -10.41 -20.23 12.03
CA VAL A 614 -10.52 -18.86 12.50
C VAL A 614 -9.29 -18.08 12.09
N GLN A 615 -9.44 -16.76 12.06
CA GLN A 615 -8.36 -15.85 11.71
C GLN A 615 -8.28 -14.76 12.76
N CYS A 616 -7.14 -14.68 13.45
CA CYS A 616 -6.92 -13.63 14.45
C CYS A 616 -6.45 -12.38 13.71
N LEU A 617 -7.41 -11.57 13.27
CA LEU A 617 -7.08 -10.42 12.45
C LEU A 617 -6.22 -9.42 13.20
N SER A 618 -6.57 -9.13 14.45
CA SER A 618 -5.77 -8.17 15.21
C SER A 618 -5.81 -8.54 16.69
N ARG A 619 -4.75 -8.18 17.40
CA ARG A 619 -4.66 -8.40 18.83
C ARG A 619 -3.91 -7.25 19.47
N GLU A 620 -4.34 -6.84 20.66
CA GLU A 620 -3.74 -5.73 21.37
C GLU A 620 -3.36 -6.16 22.78
N ALA A 621 -2.37 -5.47 23.34
CA ALA A 621 -1.94 -5.75 24.71
C ALA A 621 -2.99 -5.34 25.73
N GLY A 622 -3.95 -4.51 25.34
CA GLY A 622 -5.03 -4.13 26.22
C GLY A 622 -6.17 -5.11 26.31
N GLY A 623 -6.08 -6.23 25.60
CA GLY A 623 -7.10 -7.25 25.62
C GLY A 623 -7.99 -7.28 24.40
N ASN A 624 -7.98 -6.22 23.59
CA ASN A 624 -8.80 -6.20 22.38
C ASN A 624 -8.31 -7.25 21.39
N MET A 625 -9.25 -7.90 20.73
CA MET A 625 -8.93 -8.93 19.74
C MET A 625 -10.01 -8.93 18.68
N SER A 626 -9.63 -8.71 17.44
CA SER A 626 -10.53 -8.80 16.30
C SER A 626 -10.28 -10.14 15.63
N ILE A 627 -11.29 -11.00 15.64
CA ILE A 627 -11.16 -12.38 15.20
C ILE A 627 -12.30 -12.71 14.24
N GLN A 628 -11.97 -13.38 13.14
CA GLN A 628 -12.95 -13.72 12.12
C GLN A 628 -13.49 -15.11 12.39
N PHE A 629 -14.77 -15.19 12.73
CA PHE A 629 -15.48 -16.45 12.94
C PHE A 629 -16.58 -16.54 11.90
N LEU A 630 -16.59 -17.64 11.15
CA LEU A 630 -17.62 -17.91 10.15
C LEU A 630 -17.80 -16.73 9.19
N GLY A 631 -16.67 -16.12 8.81
CA GLY A 631 -16.69 -15.03 7.86
C GLY A 631 -16.99 -13.66 8.44
N THR A 632 -17.39 -13.57 9.70
CA THR A 632 -17.72 -12.30 10.32
C THR A 632 -16.68 -11.94 11.37
N VAL A 633 -16.27 -10.68 11.39
CA VAL A 633 -15.25 -10.21 12.31
C VAL A 633 -15.93 -9.78 13.60
N TYR A 634 -15.51 -10.37 14.72
CA TYR A 634 -16.02 -10.02 16.03
C TYR A 634 -14.91 -9.38 16.86
N LYS A 635 -15.30 -8.38 17.64
CA LYS A 635 -14.40 -7.70 18.57
C LYS A 635 -14.66 -8.23 19.97
N VAL A 636 -13.63 -8.77 20.60
CA VAL A 636 -13.73 -9.32 21.95
C VAL A 636 -12.65 -8.68 22.82
N ASN A 637 -13.02 -8.32 24.04
CA ASN A 637 -12.09 -7.73 24.99
C ASN A 637 -11.91 -8.72 26.14
N ILE A 638 -10.75 -9.39 26.16
CA ILE A 638 -10.43 -10.38 27.19
C ILE A 638 -9.57 -9.72 28.24
N LEU A 639 -10.01 -9.81 29.50
CA LEU A 639 -9.22 -9.35 30.64
C LEU A 639 -9.16 -10.46 31.66
N THR A 640 -8.16 -10.40 32.54
CA THR A 640 -8.21 -11.29 33.69
C THR A 640 -9.25 -10.79 34.67
N ARG A 641 -9.65 -11.67 35.59
CA ARG A 641 -10.71 -11.31 36.53
C ARG A 641 -10.30 -10.11 37.39
N LEU A 642 -9.07 -10.12 37.89
CA LEU A 642 -8.57 -8.99 38.66
C LEU A 642 -8.52 -7.72 37.81
N ALA A 643 -8.09 -7.85 36.56
CA ALA A 643 -8.04 -6.69 35.67
C ALA A 643 -9.44 -6.13 35.42
N ALA A 644 -10.43 -7.01 35.25
CA ALA A 644 -11.79 -6.53 35.05
C ALA A 644 -12.33 -5.85 36.30
N GLU A 645 -12.05 -6.41 37.48
CA GLU A 645 -12.50 -5.80 38.72
C GLU A 645 -11.90 -4.41 38.88
N LEU A 646 -10.61 -4.25 38.56
CA LEU A 646 -10.01 -2.93 38.64
C LEU A 646 -10.48 -2.01 37.53
N ASN A 647 -10.78 -2.56 36.35
CA ASN A 647 -11.27 -1.76 35.23
C ASN A 647 -12.65 -1.22 35.48
N LYS A 648 -13.42 -1.86 36.36
CA LYS A 648 -14.73 -1.32 36.71
C LYS A 648 -14.64 0.10 37.24
N PHE A 649 -13.50 0.51 37.79
CA PHE A 649 -13.32 1.85 38.30
C PHE A 649 -12.85 2.84 37.25
N MET A 650 -12.45 2.39 36.07
CA MET A 650 -11.99 3.31 35.04
C MET A 650 -13.14 4.13 34.49
N LEU A 651 -12.95 5.44 34.43
CA LEU A 651 -13.99 6.32 33.90
C LEU A 651 -14.03 6.23 32.39
N GLU A 652 -15.23 5.99 31.85
CA GLU A 652 -15.38 5.92 30.41
C GLU A 652 -15.20 7.30 29.79
N LYS A 653 -14.52 7.34 28.64
CA LYS A 653 -14.29 8.59 27.93
C LYS A 653 -15.50 8.91 27.08
N VAL A 654 -16.19 10.01 27.40
CA VAL A 654 -17.41 10.37 26.69
C VAL A 654 -17.05 10.86 25.29
N THR A 655 -17.69 10.27 24.29
CA THR A 655 -17.49 10.65 22.89
C THR A 655 -18.63 11.57 22.46
N GLU A 656 -18.26 12.69 21.83
CA GLU A 656 -19.25 13.68 21.38
C GLU A 656 -19.84 13.26 20.03
N ASP A 657 -20.51 12.10 20.04
CA ASP A 657 -21.15 11.57 18.84
C ASP A 657 -22.58 12.08 18.77
N THR A 658 -22.69 13.40 18.57
CA THR A 658 -23.98 14.08 18.46
C THR A 658 -24.36 14.32 17.00
N SER A 659 -23.86 13.49 16.08
CA SER A 659 -24.08 13.62 14.64
C SER A 659 -23.61 15.01 14.22
N SER A 660 -24.43 15.81 13.53
CA SER A 660 -24.09 17.17 13.12
C SER A 660 -22.88 17.21 12.19
N VAL A 661 -22.47 16.07 11.64
CA VAL A 661 -21.34 15.99 10.73
C VAL A 661 -21.67 14.98 9.64
N LEU A 662 -20.83 14.96 8.61
CA LEU A 662 -20.99 14.01 7.50
C LEU A 662 -19.64 13.80 6.85
N ARG A 663 -19.14 12.58 6.91
CA ARG A 663 -17.83 12.25 6.36
C ARG A 663 -17.96 11.84 4.90
N SER A 664 -16.88 11.27 4.34
CA SER A 664 -16.82 10.88 2.94
C SER A 664 -16.45 9.39 2.87
N PRO A 665 -17.43 8.50 2.99
CA PRO A 665 -17.13 7.06 2.89
C PRO A 665 -16.62 6.63 1.53
N MET A 666 -16.88 7.40 0.47
CA MET A 666 -16.45 7.04 -0.87
C MET A 666 -15.19 7.81 -1.24
N PRO A 667 -14.05 7.15 -1.39
CA PRO A 667 -12.85 7.82 -1.91
C PRO A 667 -12.93 7.97 -3.42
N GLY A 668 -13.14 9.20 -3.88
CA GLY A 668 -13.32 9.44 -5.30
C GLY A 668 -13.41 10.92 -5.63
N VAL A 669 -14.35 11.28 -6.51
CA VAL A 669 -14.58 12.67 -6.88
C VAL A 669 -16.03 13.01 -6.61
N VAL A 670 -16.26 13.95 -5.70
CA VAL A 670 -17.61 14.46 -5.47
C VAL A 670 -18.03 15.23 -6.72
N VAL A 671 -19.05 14.73 -7.41
CA VAL A 671 -19.48 15.32 -8.68
C VAL A 671 -20.82 16.03 -8.59
N ALA A 672 -21.57 15.86 -7.49
CA ALA A 672 -22.88 16.47 -7.36
C ALA A 672 -23.08 16.86 -5.90
N VAL A 673 -23.20 18.16 -5.65
CA VAL A 673 -23.47 18.70 -4.32
C VAL A 673 -24.84 19.37 -4.37
N SER A 674 -25.74 18.95 -3.49
CA SER A 674 -27.10 19.48 -3.45
C SER A 674 -27.39 20.25 -2.17
N VAL A 675 -26.34 20.70 -1.47
CA VAL A 675 -26.50 21.43 -0.21
C VAL A 675 -25.58 22.64 -0.21
N LYS A 676 -25.93 23.60 0.63
CA LYS A 676 -25.16 24.82 0.81
C LYS A 676 -25.13 25.14 2.30
N PRO A 677 -24.13 25.89 2.77
CA PRO A 677 -24.10 26.28 4.19
C PRO A 677 -25.35 27.00 4.63
N GLY A 678 -26.11 26.38 5.52
CA GLY A 678 -27.38 26.90 5.96
C GLY A 678 -28.61 26.15 5.47
N ASP A 679 -28.47 24.89 5.07
CA ASP A 679 -29.56 24.10 4.54
C ASP A 679 -30.10 23.18 5.63
N ALA A 680 -31.40 23.27 5.89
CA ALA A 680 -32.07 22.43 6.89
C ALA A 680 -32.50 21.13 6.19
N VAL A 681 -31.61 20.16 6.20
CA VAL A 681 -31.87 18.87 5.55
C VAL A 681 -32.73 18.01 6.47
N ALA A 682 -33.29 16.94 5.93
CA ALA A 682 -34.16 16.03 6.66
C ALA A 682 -33.62 14.61 6.55
N GLU A 683 -34.36 13.66 7.13
CA GLU A 683 -33.98 12.26 7.09
C GLU A 683 -34.07 11.73 5.66
N GLY A 684 -33.02 11.04 5.23
CA GLY A 684 -33.00 10.46 3.90
C GLY A 684 -32.78 11.43 2.77
N GLN A 685 -32.45 12.68 3.06
CA GLN A 685 -32.21 13.67 2.03
C GLN A 685 -30.79 13.55 1.49
N GLU A 686 -30.66 13.40 0.17
CA GLU A 686 -29.35 13.27 -0.45
C GLU A 686 -28.52 14.53 -0.24
N ILE A 687 -27.25 14.34 0.11
CA ILE A 687 -26.34 15.44 0.38
C ILE A 687 -25.32 15.60 -0.75
N CYS A 688 -24.52 14.57 -1.00
CA CYS A 688 -23.50 14.62 -2.03
C CYS A 688 -23.46 13.30 -2.79
N VAL A 689 -23.11 13.38 -4.07
CA VAL A 689 -22.93 12.21 -4.92
C VAL A 689 -21.46 12.16 -5.32
N ILE A 690 -20.82 11.02 -5.10
CA ILE A 690 -19.40 10.84 -5.36
C ILE A 690 -19.23 9.75 -6.41
N GLU A 691 -18.55 10.09 -7.50
CA GLU A 691 -18.16 9.08 -8.48
C GLU A 691 -16.85 8.44 -8.04
N ALA A 692 -16.87 7.13 -7.88
CA ALA A 692 -15.68 6.39 -7.48
C ALA A 692 -15.87 4.94 -7.90
N MET A 693 -14.74 4.24 -8.06
CA MET A 693 -14.73 2.84 -8.46
C MET A 693 -15.41 2.63 -9.81
N LYS A 694 -15.49 3.68 -10.63
CA LYS A 694 -16.32 3.68 -11.83
C LYS A 694 -17.76 3.33 -11.50
N MET A 695 -18.27 3.90 -10.41
CA MET A 695 -19.63 3.65 -9.95
C MET A 695 -20.17 4.91 -9.29
N GLN A 696 -21.39 5.27 -9.62
CA GLN A 696 -22.02 6.48 -9.08
C GLN A 696 -22.89 6.11 -7.88
N ASN A 697 -22.57 6.67 -6.72
CA ASN A 697 -23.27 6.38 -5.48
C ASN A 697 -23.78 7.68 -4.87
N SER A 698 -25.04 7.68 -4.46
CA SER A 698 -25.67 8.83 -3.83
C SER A 698 -25.86 8.54 -2.35
N MET A 699 -25.46 9.49 -1.50
CA MET A 699 -25.54 9.33 -0.06
C MET A 699 -26.48 10.37 0.53
N THR A 700 -27.28 9.95 1.49
CA THR A 700 -28.26 10.80 2.15
C THR A 700 -27.77 11.20 3.53
N ALA A 701 -28.39 12.26 4.07
CA ALA A 701 -28.02 12.73 5.41
C ALA A 701 -28.39 11.72 6.48
N GLY A 702 -29.59 11.18 6.41
CA GLY A 702 -30.07 10.22 7.40
C GLY A 702 -30.65 10.83 8.65
N LYS A 703 -30.62 12.16 8.79
CA LYS A 703 -31.17 12.84 9.96
C LYS A 703 -31.46 14.28 9.58
N THR A 704 -32.06 15.02 10.51
CA THR A 704 -32.46 16.40 10.29
C THR A 704 -31.49 17.33 11.02
N GLY A 705 -30.97 18.31 10.28
CA GLY A 705 -30.05 19.28 10.85
C GLY A 705 -29.61 20.33 9.87
N THR A 706 -29.56 21.58 10.31
CA THR A 706 -29.12 22.67 9.44
C THR A 706 -27.65 22.53 9.10
N VAL A 707 -27.30 22.83 7.85
CA VAL A 707 -25.91 22.71 7.39
C VAL A 707 -25.11 23.88 7.95
N LYS A 708 -24.12 23.55 8.80
CA LYS A 708 -23.24 24.59 9.32
C LYS A 708 -22.34 25.14 8.22
N SER A 709 -21.70 24.26 7.46
CA SER A 709 -20.81 24.66 6.38
C SER A 709 -20.61 23.47 5.46
N VAL A 710 -20.25 23.76 4.21
CA VAL A 710 -19.97 22.75 3.20
C VAL A 710 -18.50 22.85 2.83
N HIS A 711 -17.78 21.74 2.98
CA HIS A 711 -16.35 21.68 2.70
C HIS A 711 -16.05 20.91 1.42
N CYS A 712 -16.94 20.98 0.45
CA CYS A 712 -16.77 20.25 -0.80
C CYS A 712 -17.52 20.98 -1.91
N GLN A 713 -17.16 20.64 -3.15
CA GLN A 713 -17.79 21.21 -4.32
C GLN A 713 -17.98 20.14 -5.38
N ALA A 714 -18.92 20.38 -6.29
CA ALA A 714 -19.20 19.43 -7.36
C ALA A 714 -18.00 19.27 -8.28
N GLY A 715 -17.40 18.08 -8.27
CA GLY A 715 -16.22 17.82 -9.07
C GLY A 715 -14.92 18.04 -8.34
N ASP A 716 -14.87 17.64 -7.07
CA ASP A 716 -13.69 17.81 -6.23
C ASP A 716 -13.19 16.46 -5.77
N THR A 717 -11.88 16.23 -5.91
CA THR A 717 -11.29 14.96 -5.51
C THR A 717 -11.22 14.89 -3.99
N VAL A 718 -11.98 13.97 -3.40
CA VAL A 718 -12.06 13.81 -1.96
C VAL A 718 -11.82 12.36 -1.61
N GLY A 719 -10.90 12.11 -0.67
CA GLY A 719 -10.60 10.78 -0.21
C GLY A 719 -11.51 10.34 0.92
N GLU A 720 -11.22 9.15 1.44
CA GLU A 720 -12.01 8.59 2.53
C GLU A 720 -11.74 9.33 3.83
N GLY A 721 -12.78 9.47 4.66
CA GLY A 721 -12.63 10.07 5.96
C GLY A 721 -12.58 11.58 5.98
N ASP A 722 -12.94 12.25 4.89
CA ASP A 722 -12.91 13.70 4.83
C ASP A 722 -14.28 14.27 5.15
N LEU A 723 -14.31 15.22 6.09
CA LEU A 723 -15.56 15.88 6.44
C LEU A 723 -16.01 16.76 5.28
N LEU A 724 -17.21 16.50 4.76
CA LEU A 724 -17.73 17.21 3.60
C LEU A 724 -18.70 18.30 3.98
N VAL A 725 -19.78 17.94 4.68
CA VAL A 725 -20.84 18.88 5.03
C VAL A 725 -21.10 18.79 6.52
N GLU A 726 -20.92 19.89 7.22
CA GLU A 726 -21.27 19.96 8.64
C GLU A 726 -22.78 20.13 8.78
N LEU A 727 -23.32 19.51 9.83
CA LEU A 727 -24.77 19.53 10.05
C LEU A 727 -25.10 20.04 11.44
N GLU A 728 -26.37 19.94 11.83
CA GLU A 728 -26.80 20.38 13.16
C GLU A 728 -27.73 19.36 13.80
N ASP B 1 6.78 -18.34 13.26
CA ASP B 1 7.07 -17.50 12.11
C ASP B 1 8.40 -17.89 11.47
N PRO B 2 8.34 -18.60 10.35
CA PRO B 2 9.56 -19.09 9.72
C PRO B 2 10.45 -17.94 9.28
N SER B 3 11.76 -18.10 9.49
CA SER B 3 12.71 -17.04 9.19
C SER B 3 12.96 -16.87 7.70
N ASP B 4 12.53 -17.83 6.88
CA ASP B 4 12.70 -17.75 5.43
C ASP B 4 11.43 -17.27 4.74
N ARG B 5 10.47 -16.74 5.48
CA ARG B 5 9.21 -16.31 4.90
C ARG B 5 9.45 -15.21 3.87
N LEU B 6 8.86 -15.38 2.69
CA LEU B 6 8.99 -14.37 1.65
C LEU B 6 7.99 -13.26 1.88
N VAL B 7 8.32 -12.08 1.37
CA VAL B 7 7.44 -10.92 1.49
C VAL B 7 7.20 -10.34 0.11
N PRO B 8 6.41 -11.03 -0.73
CA PRO B 8 6.19 -10.53 -2.10
C PRO B 8 5.44 -9.21 -2.17
N GLU B 9 4.75 -8.82 -1.10
CA GLU B 9 4.03 -7.55 -1.11
C GLU B 9 4.97 -6.35 -1.11
N LEU B 10 6.26 -6.56 -0.86
CA LEU B 10 7.24 -5.48 -0.83
C LEU B 10 7.87 -5.23 -2.19
N ASP B 11 7.56 -6.02 -3.20
CA ASP B 11 8.23 -5.89 -4.49
C ASP B 11 7.77 -4.67 -5.27
N THR B 12 6.59 -4.12 -4.96
CA THR B 12 6.08 -2.96 -5.68
C THR B 12 5.55 -1.88 -4.73
N ILE B 13 6.15 -1.76 -3.55
CA ILE B 13 5.69 -0.76 -2.60
C ILE B 13 6.38 0.59 -2.78
N VAL B 14 7.55 0.62 -3.41
CA VAL B 14 8.27 1.87 -3.65
C VAL B 14 7.86 2.38 -5.04
N PRO B 15 7.18 3.50 -5.15
CA PRO B 15 6.78 4.00 -6.47
C PRO B 15 7.98 4.49 -7.26
N LEU B 16 7.85 4.43 -8.59
CA LEU B 16 8.94 4.89 -9.46
C LEU B 16 9.07 6.40 -9.42
N GLU B 17 7.95 7.12 -9.31
CA GLU B 17 8.00 8.58 -9.24
C GLU B 17 8.66 9.01 -7.94
N SER B 18 9.85 9.60 -8.06
CA SER B 18 10.58 10.00 -6.86
C SER B 18 9.84 11.03 -6.03
N THR B 19 8.92 11.79 -6.64
CA THR B 19 8.14 12.76 -5.87
C THR B 19 7.06 12.07 -5.04
N LYS B 20 6.65 10.86 -5.42
CA LYS B 20 5.57 10.17 -4.74
C LYS B 20 6.10 9.41 -3.53
N ALA B 21 5.33 9.43 -2.45
CA ALA B 21 5.75 8.89 -1.16
C ALA B 21 5.02 7.60 -0.84
N TYR B 22 5.55 6.89 0.15
CA TYR B 22 4.96 5.64 0.63
C TYR B 22 5.14 5.57 2.14
N ASN B 23 4.64 4.49 2.73
CA ASN B 23 4.64 4.31 4.18
C ASN B 23 5.67 3.26 4.56
N MET B 24 6.67 3.66 5.35
CA MET B 24 7.71 2.73 5.78
C MET B 24 7.20 1.77 6.84
N VAL B 25 6.13 2.14 7.56
CA VAL B 25 5.59 1.24 8.57
C VAL B 25 5.02 -0.01 7.92
N ASP B 26 4.53 0.09 6.69
CA ASP B 26 4.10 -1.11 5.97
C ASP B 26 5.26 -2.07 5.76
N ILE B 27 6.42 -1.54 5.35
CA ILE B 27 7.60 -2.38 5.17
C ILE B 27 8.01 -3.00 6.50
N ILE B 28 8.03 -2.20 7.57
CA ILE B 28 8.45 -2.70 8.86
C ILE B 28 7.52 -3.82 9.32
N HIS B 29 6.21 -3.63 9.16
CA HIS B 29 5.25 -4.66 9.55
C HIS B 29 5.43 -5.93 8.73
N SER B 30 5.70 -5.78 7.43
CA SER B 30 5.86 -6.96 6.59
C SER B 30 7.11 -7.75 6.95
N VAL B 31 8.18 -7.08 7.37
CA VAL B 31 9.45 -7.78 7.55
C VAL B 31 9.53 -8.48 8.90
N VAL B 32 9.06 -7.85 9.97
CA VAL B 32 9.30 -8.34 11.33
C VAL B 32 8.43 -9.54 11.68
N ASP B 33 8.76 -10.21 12.79
CA ASP B 33 8.03 -11.39 13.21
C ASP B 33 6.58 -11.06 13.52
N GLU B 34 5.66 -11.84 12.97
CA GLU B 34 4.23 -11.77 13.23
C GLU B 34 3.65 -10.38 12.99
N ARG B 35 4.39 -9.50 12.31
CA ARG B 35 3.93 -8.13 12.02
C ARG B 35 3.61 -7.36 13.30
N GLU B 36 4.41 -7.60 14.34
CA GLU B 36 4.26 -6.91 15.62
C GLU B 36 5.36 -5.88 15.76
N PHE B 37 4.98 -4.66 16.12
CA PHE B 37 5.93 -3.55 16.19
C PHE B 37 5.50 -2.62 17.32
N PHE B 38 6.36 -2.49 18.33
CA PHE B 38 6.12 -1.53 19.42
C PHE B 38 6.78 -0.21 19.02
N GLU B 39 5.99 0.70 18.49
CA GLU B 39 6.52 1.98 18.05
C GLU B 39 6.75 2.91 19.23
N ILE B 40 7.93 3.53 19.27
CA ILE B 40 8.29 4.48 20.29
C ILE B 40 8.14 5.89 19.71
N MET B 41 7.46 6.76 20.45
CA MET B 41 7.12 8.11 20.00
C MET B 41 6.39 8.08 18.66
N PRO B 42 5.24 7.41 18.57
CA PRO B 42 4.56 7.35 17.28
C PRO B 42 4.02 8.68 16.80
N ASN B 43 3.84 9.67 17.67
CA ASN B 43 3.17 10.91 17.32
C ASN B 43 4.08 12.13 17.45
N TYR B 44 5.40 11.91 17.48
CA TYR B 44 6.36 12.99 17.62
C TYR B 44 7.47 12.79 16.60
N ALA B 45 7.80 13.85 15.87
CA ALA B 45 8.81 13.79 14.83
C ALA B 45 8.56 12.62 13.88
N LYS B 46 7.37 12.62 13.29
CA LYS B 46 6.90 11.47 12.54
C LYS B 46 7.64 11.22 11.25
N ASN B 47 8.63 12.04 10.89
CA ASN B 47 9.44 11.76 9.72
C ASN B 47 10.53 10.73 9.99
N ILE B 48 10.64 10.24 11.22
CA ILE B 48 11.51 9.12 11.55
C ILE B 48 10.71 8.14 12.40
N ILE B 49 10.99 6.86 12.24
CA ILE B 49 10.29 5.79 12.95
C ILE B 49 11.32 4.98 13.72
N VAL B 50 11.10 4.84 15.02
CA VAL B 50 11.92 3.96 15.84
C VAL B 50 10.99 3.04 16.63
N GLY B 51 11.50 1.87 16.97
CA GLY B 51 10.68 0.96 17.76
C GLY B 51 11.36 -0.36 18.00
N PHE B 52 10.64 -1.24 18.68
CA PHE B 52 11.13 -2.58 19.01
C PHE B 52 10.33 -3.62 18.26
N ALA B 53 11.01 -4.65 17.79
CA ALA B 53 10.34 -5.78 17.15
C ALA B 53 11.15 -7.03 17.43
N ARG B 54 10.79 -8.13 16.78
CA ARG B 54 11.49 -9.39 16.94
C ARG B 54 11.80 -9.95 15.56
N MET B 55 13.00 -10.52 15.42
CA MET B 55 13.37 -11.27 14.23
C MET B 55 13.85 -12.65 14.67
N ASN B 56 13.16 -13.68 14.20
CA ASN B 56 13.43 -15.06 14.61
C ASN B 56 13.41 -15.20 16.14
N GLY B 57 12.57 -14.40 16.78
CA GLY B 57 12.41 -14.43 18.22
C GLY B 57 13.37 -13.56 19.00
N ARG B 58 14.33 -12.92 18.35
CA ARG B 58 15.30 -12.09 19.03
C ARG B 58 14.91 -10.62 18.93
N THR B 59 15.01 -9.90 20.04
CA THR B 59 14.66 -8.50 20.07
C THR B 59 15.57 -7.69 19.16
N VAL B 60 14.97 -6.84 18.33
CA VAL B 60 15.71 -5.94 17.45
C VAL B 60 15.13 -4.54 17.57
N GLY B 61 15.99 -3.55 17.36
CA GLY B 61 15.56 -2.17 17.27
C GLY B 61 15.45 -1.76 15.80
N ILE B 62 14.39 -1.02 15.50
CA ILE B 62 14.07 -0.62 14.14
C ILE B 62 14.17 0.89 14.04
N VAL B 63 14.96 1.36 13.07
CA VAL B 63 15.09 2.76 12.73
C VAL B 63 14.80 2.91 11.25
N GLY B 64 13.97 3.89 10.89
CA GLY B 64 13.64 4.09 9.49
C GLY B 64 13.21 5.51 9.22
N ASN B 65 13.29 5.88 7.95
CA ASN B 65 12.80 7.18 7.51
C ASN B 65 11.37 7.03 7.03
N GLN B 66 10.58 8.10 7.20
CA GLN B 66 9.18 8.08 6.80
C GLN B 66 8.96 9.08 5.67
N PRO B 67 8.97 8.64 4.40
CA PRO B 67 8.74 9.58 3.30
C PRO B 67 7.35 10.20 3.29
N LYS B 68 6.39 9.64 4.02
CA LYS B 68 5.06 10.25 4.06
C LYS B 68 5.09 11.63 4.70
N VAL B 69 5.84 11.78 5.78
CA VAL B 69 5.89 13.04 6.53
C VAL B 69 7.18 13.76 6.16
N ALA B 70 7.05 14.99 5.70
CA ALA B 70 8.18 15.86 5.36
C ALA B 70 9.09 15.24 4.31
N SER B 71 8.57 14.32 3.50
CA SER B 71 9.31 13.64 2.46
C SER B 71 10.52 12.87 3.00
N GLY B 72 10.51 12.55 4.30
CA GLY B 72 11.58 11.79 4.90
C GLY B 72 12.80 12.60 5.29
N CYS B 73 12.74 13.93 5.20
CA CYS B 73 13.89 14.74 5.55
C CYS B 73 14.16 14.70 7.04
N LEU B 74 15.44 14.75 7.41
CA LEU B 74 15.84 14.78 8.81
C LEU B 74 15.83 16.21 9.34
N ASP B 75 15.54 16.34 10.63
CA ASP B 75 15.55 17.64 11.28
C ASP B 75 16.00 17.44 12.72
N ILE B 76 15.78 18.46 13.55
CA ILE B 76 16.30 18.45 14.92
C ILE B 76 15.61 17.38 15.76
N ASN B 77 14.27 17.38 15.75
CA ASN B 77 13.52 16.49 16.63
C ASN B 77 13.74 15.03 16.24
N SER B 78 13.68 14.73 14.95
CA SER B 78 13.90 13.37 14.50
C SER B 78 15.32 12.91 14.80
N SER B 79 16.29 13.80 14.65
CA SER B 79 17.67 13.45 14.99
C SER B 79 17.80 13.08 16.45
N VAL B 80 17.21 13.88 17.35
CA VAL B 80 17.32 13.58 18.78
C VAL B 80 16.61 12.26 19.10
N LYS B 81 15.42 12.06 18.55
CA LYS B 81 14.66 10.85 18.80
C LYS B 81 15.44 9.60 18.37
N GLY B 82 15.93 9.60 17.12
CA GLY B 82 16.69 8.47 16.64
C GLY B 82 17.97 8.26 17.41
N ALA B 83 18.67 9.34 17.76
CA ALA B 83 19.93 9.22 18.47
C ALA B 83 19.73 8.56 19.84
N ARG B 84 18.72 9.01 20.58
CA ARG B 84 18.47 8.41 21.89
C ARG B 84 18.10 6.95 21.76
N PHE B 85 17.23 6.61 20.79
CA PHE B 85 16.86 5.21 20.63
C PHE B 85 18.07 4.35 20.28
N VAL B 86 18.91 4.81 19.36
CA VAL B 86 20.06 4.03 18.94
C VAL B 86 21.04 3.85 20.09
N ARG B 87 21.26 4.91 20.87
CA ARG B 87 22.17 4.79 22.01
C ARG B 87 21.66 3.79 23.02
N PHE B 88 20.36 3.80 23.31
CA PHE B 88 19.83 2.82 24.25
C PHE B 88 20.01 1.40 23.71
N CYS B 89 19.67 1.20 22.43
CA CYS B 89 19.79 -0.15 21.87
C CYS B 89 21.21 -0.65 21.90
N ASP B 90 22.18 0.22 21.60
CA ASP B 90 23.58 -0.17 21.66
C ASP B 90 24.01 -0.49 23.10
N ALA B 91 23.53 0.28 24.07
CA ALA B 91 23.97 0.08 25.44
C ALA B 91 23.54 -1.27 26.02
N PHE B 92 22.51 -1.91 25.45
CA PHE B 92 21.97 -3.14 26.02
C PHE B 92 21.99 -4.28 25.01
N ASN B 93 22.93 -4.25 24.07
CA ASN B 93 23.22 -5.39 23.19
C ASN B 93 22.02 -5.79 22.34
N ILE B 94 21.30 -4.82 21.81
CA ILE B 94 20.14 -5.07 20.96
C ILE B 94 20.52 -4.74 19.53
N PRO B 95 20.39 -5.67 18.58
CA PRO B 95 20.76 -5.38 17.20
C PRO B 95 19.86 -4.32 16.59
N LEU B 96 20.41 -3.61 15.60
CA LEU B 96 19.72 -2.52 14.94
C LEU B 96 19.52 -2.82 13.46
N ILE B 97 18.30 -2.60 12.97
CA ILE B 97 17.97 -2.70 11.55
C ILE B 97 17.49 -1.33 11.09
N THR B 98 18.08 -0.84 10.01
CA THR B 98 17.82 0.49 9.53
C THR B 98 17.25 0.43 8.11
N PHE B 99 16.22 1.22 7.85
CA PHE B 99 15.65 1.37 6.52
C PHE B 99 15.85 2.82 6.07
N VAL B 100 16.57 2.99 4.97
CA VAL B 100 17.08 4.30 4.57
C VAL B 100 16.35 4.78 3.33
N ASP B 101 15.63 5.89 3.45
CA ASP B 101 15.06 6.60 2.31
C ASP B 101 15.14 8.11 2.55
N VAL B 102 16.30 8.58 3.00
CA VAL B 102 16.46 9.97 3.39
C VAL B 102 16.95 10.80 2.19
N PRO B 103 16.30 11.90 1.87
CA PRO B 103 16.78 12.79 0.80
C PRO B 103 17.68 13.93 1.27
N GLY B 104 18.06 13.96 2.55
CA GLY B 104 18.89 15.00 3.09
C GLY B 104 18.26 15.62 4.31
N PHE B 105 18.84 16.73 4.76
CA PHE B 105 18.35 17.43 5.93
C PHE B 105 17.38 18.52 5.52
N LEU B 106 16.54 18.92 6.47
CA LEU B 106 15.51 19.91 6.20
C LEU B 106 16.13 21.30 6.19
N PRO B 107 16.02 22.06 5.10
CA PRO B 107 16.63 23.38 5.04
C PRO B 107 15.75 24.44 5.68
N GLY B 108 16.36 25.59 5.93
CA GLY B 108 15.64 26.73 6.49
C GLY B 108 16.46 27.50 7.50
N THR B 109 16.02 28.70 7.85
CA THR B 109 16.68 29.49 8.88
C THR B 109 16.35 29.01 10.28
N ALA B 110 15.13 28.51 10.50
CA ALA B 110 14.76 28.00 11.81
C ALA B 110 15.63 26.80 12.20
N GLN B 111 15.89 25.91 11.25
CA GLN B 111 16.74 24.75 11.53
C GLN B 111 18.17 25.18 11.84
N GLU B 112 18.72 26.12 11.06
CA GLU B 112 20.09 26.57 11.33
C GLU B 112 20.18 27.28 12.68
N TYR B 113 19.22 28.14 13.00
CA TYR B 113 19.26 28.85 14.26
C TYR B 113 19.00 27.93 15.45
N GLY B 114 18.27 26.84 15.22
CA GLY B 114 18.03 25.90 16.29
C GLY B 114 19.16 24.96 16.60
N GLY B 115 20.22 24.98 15.78
CA GLY B 115 21.35 24.11 16.00
C GLY B 115 21.22 22.78 15.31
N ILE B 116 20.85 22.80 14.03
CA ILE B 116 20.68 21.55 13.28
C ILE B 116 22.00 20.81 13.16
N ILE B 117 23.12 21.53 13.17
CA ILE B 117 24.42 20.89 12.98
C ILE B 117 24.73 19.93 14.11
N ARG B 118 24.64 20.41 15.36
CA ARG B 118 24.94 19.54 16.49
C ARG B 118 23.88 18.47 16.68
N HIS B 119 22.62 18.79 16.42
CA HIS B 119 21.56 17.80 16.59
C HIS B 119 21.68 16.68 15.56
N GLY B 120 22.06 17.01 14.33
CA GLY B 120 22.36 15.96 13.36
C GLY B 120 23.58 15.16 13.75
N ALA B 121 24.63 15.85 14.21
CA ALA B 121 25.83 15.16 14.67
C ALA B 121 25.50 14.18 15.79
N LYS B 122 24.44 14.43 16.55
CA LYS B 122 24.01 13.47 17.55
C LYS B 122 23.68 12.12 16.92
N LEU B 123 22.89 12.14 15.84
CA LEU B 123 22.53 10.90 15.17
C LEU B 123 23.73 10.26 14.50
N LEU B 124 24.59 11.07 13.87
CA LEU B 124 25.84 10.52 13.31
C LEU B 124 26.64 9.80 14.38
N TYR B 125 26.84 10.45 15.53
CA TYR B 125 27.56 9.85 16.64
C TYR B 125 26.91 8.55 17.10
N ALA B 126 25.60 8.57 17.29
CA ALA B 126 24.91 7.40 17.82
C ALA B 126 25.10 6.22 16.89
N PHE B 127 25.00 6.44 15.59
CA PHE B 127 25.20 5.32 14.67
C PHE B 127 26.66 4.91 14.58
N ALA B 128 27.58 5.85 14.78
CA ALA B 128 29.00 5.52 14.62
C ALA B 128 29.53 4.71 15.80
N GLU B 129 29.12 5.03 17.04
CA GLU B 129 29.76 4.30 18.13
C GLU B 129 29.16 2.93 18.37
N ALA B 130 28.04 2.60 17.73
CA ALA B 130 27.35 1.36 18.06
C ALA B 130 28.24 0.16 17.75
N THR B 131 28.33 -0.75 18.71
CA THR B 131 29.10 -1.98 18.55
C THR B 131 28.23 -3.21 18.44
N VAL B 132 26.91 -3.05 18.51
CA VAL B 132 25.98 -4.14 18.27
C VAL B 132 25.93 -4.39 16.77
N PRO B 133 25.47 -5.56 16.32
CA PRO B 133 25.29 -5.76 14.89
C PRO B 133 24.31 -4.76 14.30
N LYS B 134 24.61 -4.29 13.09
CA LYS B 134 23.80 -3.31 12.40
C LYS B 134 23.55 -3.79 10.98
N VAL B 135 22.28 -3.84 10.58
CA VAL B 135 21.90 -4.20 9.22
C VAL B 135 21.20 -3.01 8.61
N THR B 136 21.55 -2.69 7.36
CA THR B 136 21.03 -1.51 6.68
C THR B 136 20.42 -1.93 5.36
N VAL B 137 19.22 -1.42 5.08
CA VAL B 137 18.55 -1.63 3.80
C VAL B 137 18.19 -0.26 3.24
N ILE B 138 18.77 0.08 2.10
CA ILE B 138 18.41 1.30 1.39
C ILE B 138 17.23 0.97 0.49
N THR B 139 16.11 1.66 0.69
CA THR B 139 14.95 1.41 -0.13
C THR B 139 14.98 2.26 -1.40
N ARG B 140 15.05 3.56 -1.26
CA ARG B 140 15.08 4.31 -2.52
C ARG B 140 16.14 5.39 -2.58
N LYS B 141 16.31 6.19 -1.53
CA LYS B 141 16.95 7.49 -1.67
C LYS B 141 18.01 7.70 -0.60
N ALA B 142 19.18 8.20 -1.02
CA ALA B 142 20.28 8.47 -0.10
C ALA B 142 21.05 9.72 -0.50
N TYR B 143 20.33 10.81 -0.80
CA TYR B 143 20.99 12.07 -1.11
C TYR B 143 21.73 12.66 0.08
N GLY B 144 22.75 13.45 -0.23
CA GLY B 144 23.44 14.26 0.75
C GLY B 144 24.27 13.46 1.74
N GLY B 145 24.86 14.19 2.69
CA GLY B 145 25.59 13.57 3.78
C GLY B 145 24.73 12.76 4.72
N ALA B 146 23.40 12.91 4.64
CA ALA B 146 22.51 12.09 5.44
C ALA B 146 22.72 10.60 5.15
N TYR B 147 23.15 10.27 3.93
CA TYR B 147 23.48 8.89 3.61
C TYR B 147 24.57 8.35 4.53
N ASP B 148 25.59 9.17 4.82
CA ASP B 148 26.62 8.76 5.74
C ASP B 148 26.07 8.56 7.14
N VAL B 149 24.99 9.27 7.48
CA VAL B 149 24.45 9.25 8.83
C VAL B 149 23.82 7.89 9.14
N MET B 150 23.15 7.30 8.17
CA MET B 150 22.45 6.03 8.43
C MET B 150 23.43 4.88 8.38
N SER B 151 24.58 5.06 9.03
CA SER B 151 25.67 4.08 9.07
C SER B 151 25.97 3.52 7.68
N SER B 152 26.45 4.40 6.81
CA SER B 152 26.85 4.01 5.46
C SER B 152 28.22 3.37 5.53
N LYS B 153 28.23 2.09 5.89
CA LYS B 153 29.44 1.25 5.91
C LYS B 153 30.49 1.81 6.86
N HIS B 154 30.99 2.99 6.53
CA HIS B 154 32.13 3.56 7.23
C HIS B 154 31.80 3.90 8.68
N LEU B 155 30.52 3.96 9.01
CA LEU B 155 30.09 4.06 10.41
C LEU B 155 29.76 2.70 10.99
N CYS B 156 30.45 1.66 10.53
CA CYS B 156 30.46 0.28 11.02
C CYS B 156 29.18 -0.48 10.67
N GLY B 157 28.35 0.01 9.75
CA GLY B 157 27.21 -0.77 9.28
C GLY B 157 27.66 -2.10 8.71
N ASP B 158 27.36 -3.19 9.42
CA ASP B 158 27.96 -4.49 9.12
C ASP B 158 27.60 -4.97 7.73
N THR B 159 26.32 -5.21 7.46
CA THR B 159 25.85 -5.62 6.16
C THR B 159 24.88 -4.57 5.63
N ASN B 160 25.06 -4.18 4.38
CA ASN B 160 24.24 -3.16 3.74
C ASN B 160 23.70 -3.73 2.45
N TYR B 161 22.39 -3.59 2.25
CA TYR B 161 21.72 -4.05 1.06
C TYR B 161 20.96 -2.90 0.43
N ALA B 162 20.77 -2.98 -0.87
CA ALA B 162 19.98 -1.99 -1.60
C ALA B 162 18.93 -2.69 -2.43
N TRP B 163 17.76 -2.10 -2.49
CA TRP B 163 16.72 -2.59 -3.36
C TRP B 163 17.01 -2.19 -4.80
N PRO B 164 16.39 -2.85 -5.78
CA PRO B 164 16.66 -2.48 -7.18
C PRO B 164 16.14 -1.10 -7.54
N THR B 165 15.47 -0.44 -6.60
CA THR B 165 15.02 0.93 -6.77
C THR B 165 15.84 1.92 -5.94
N ALA B 166 16.82 1.45 -5.18
CA ALA B 166 17.67 2.35 -4.40
C ALA B 166 18.46 3.26 -5.32
N GLU B 167 18.51 4.55 -4.97
CA GLU B 167 19.09 5.55 -5.85
C GLU B 167 20.14 6.36 -5.07
N ILE B 168 21.09 5.65 -4.46
CA ILE B 168 22.16 6.27 -3.70
C ILE B 168 22.93 7.25 -4.58
N ALA B 169 22.95 8.52 -4.19
CA ALA B 169 23.65 9.55 -4.94
C ALA B 169 24.12 10.61 -3.95
N VAL B 170 24.51 11.78 -4.47
CA VAL B 170 24.93 12.89 -3.62
C VAL B 170 23.92 14.03 -3.77
N MET B 171 23.80 14.55 -4.98
CA MET B 171 22.82 15.60 -5.27
C MET B 171 21.62 15.03 -6.02
N ASN B 200 20.44 5.35 -9.35
CA ASN B 200 20.91 3.99 -9.59
C ASN B 200 21.93 3.55 -8.54
N PRO B 201 21.87 2.28 -8.15
CA PRO B 201 22.81 1.76 -7.15
C PRO B 201 24.15 1.29 -7.71
N PHE B 202 24.32 1.32 -9.03
CA PHE B 202 25.57 0.86 -9.64
C PHE B 202 26.80 1.61 -9.15
N PRO B 203 26.79 2.96 -9.01
CA PRO B 203 27.96 3.63 -8.42
C PRO B 203 28.30 3.09 -7.04
N ALA B 204 27.27 2.90 -6.21
CA ALA B 204 27.47 2.39 -4.86
C ALA B 204 28.02 0.96 -4.89
N ALA B 205 27.49 0.13 -5.77
CA ALA B 205 27.94 -1.25 -5.88
C ALA B 205 29.40 -1.32 -6.34
N VAL B 206 29.74 -0.51 -7.34
CA VAL B 206 31.09 -0.53 -7.89
C VAL B 206 32.09 -0.04 -6.86
N ARG B 207 31.77 1.08 -6.20
CA ARG B 207 32.67 1.60 -5.17
C ARG B 207 32.72 0.68 -3.96
N GLY B 208 31.71 -0.17 -3.80
CA GLY B 208 31.63 -1.07 -2.67
C GLY B 208 30.75 -0.61 -1.54
N PHE B 209 29.68 0.12 -1.83
CA PHE B 209 28.81 0.68 -0.81
C PHE B 209 27.62 -0.22 -0.47
N VAL B 210 27.49 -1.35 -1.16
CA VAL B 210 26.48 -2.34 -0.82
C VAL B 210 27.10 -3.71 -0.98
N ASP B 211 26.69 -4.65 -0.15
CA ASP B 211 27.13 -6.03 -0.30
C ASP B 211 26.35 -6.77 -1.37
N ASP B 212 25.19 -6.26 -1.75
CA ASP B 212 24.35 -6.90 -2.76
C ASP B 212 23.20 -5.99 -3.12
N ILE B 213 22.57 -6.29 -4.26
CA ILE B 213 21.28 -5.73 -4.64
C ILE B 213 20.27 -6.86 -4.49
N ILE B 214 19.38 -6.74 -3.52
CA ILE B 214 18.48 -7.83 -3.18
C ILE B 214 17.10 -7.53 -3.72
N GLN B 215 16.37 -8.59 -4.06
CA GLN B 215 14.96 -8.45 -4.37
C GLN B 215 14.22 -8.08 -3.09
N PRO B 216 13.26 -7.15 -3.16
CA PRO B 216 12.56 -6.73 -1.94
C PRO B 216 11.78 -7.85 -1.26
N SER B 217 11.48 -8.93 -1.97
CA SER B 217 10.73 -10.03 -1.37
C SER B 217 11.59 -10.94 -0.49
N SER B 218 12.91 -10.84 -0.57
CA SER B 218 13.79 -11.68 0.23
C SER B 218 14.33 -10.98 1.46
N THR B 219 13.94 -9.72 1.69
CA THR B 219 14.52 -8.90 2.74
C THR B 219 14.57 -9.64 4.07
N ARG B 220 13.41 -10.05 4.58
CA ARG B 220 13.35 -10.76 5.85
C ARG B 220 14.31 -11.94 5.85
N ALA B 221 14.24 -12.77 4.81
CA ALA B 221 15.07 -13.96 4.75
C ALA B 221 16.55 -13.60 4.86
N ARG B 222 16.96 -12.49 4.25
CA ARG B 222 18.34 -12.06 4.38
C ARG B 222 18.64 -11.64 5.80
N ILE B 223 17.80 -10.75 6.35
CA ILE B 223 18.15 -10.09 7.61
C ILE B 223 18.34 -11.12 8.71
N CYS B 224 17.37 -12.03 8.85
CA CYS B 224 17.47 -13.08 9.86
C CYS B 224 18.81 -13.80 9.76
N CYS B 225 19.18 -14.19 8.54
CA CYS B 225 20.44 -14.91 8.36
C CYS B 225 21.60 -14.10 8.90
N ASP B 226 21.65 -12.82 8.54
CA ASP B 226 22.74 -11.97 9.01
C ASP B 226 22.76 -11.90 10.53
N LEU B 227 21.59 -11.80 11.15
CA LEU B 227 21.54 -11.69 12.60
C LEU B 227 22.09 -12.95 13.27
N ASP B 228 22.07 -14.09 12.58
CA ASP B 228 22.69 -15.28 13.16
C ASP B 228 24.20 -15.18 13.09
N VAL B 229 24.74 -14.64 12.00
CA VAL B 229 26.18 -14.55 11.84
C VAL B 229 26.76 -13.52 12.80
N LEU B 230 26.12 -12.36 12.90
CA LEU B 230 26.69 -11.23 13.62
C LEU B 230 26.41 -11.25 15.11
N ALA B 231 25.77 -12.30 15.62
CA ALA B 231 25.45 -12.35 17.04
C ALA B 231 26.70 -12.37 17.90
N SER B 232 27.81 -12.90 17.38
CA SER B 232 29.06 -13.00 18.12
C SER B 232 30.05 -11.91 17.74
N LYS B 233 29.56 -10.79 17.23
CA LYS B 233 30.43 -9.69 16.84
C LYS B 233 31.06 -9.04 18.06
N LYS B 234 32.38 -8.83 17.98
CA LYS B 234 33.12 -8.17 19.05
C LYS B 234 34.08 -7.16 18.45
N VAL B 235 34.10 -5.95 19.01
CA VAL B 235 34.93 -4.86 18.53
C VAL B 235 35.74 -4.31 19.70
N GLN B 236 37.01 -4.01 19.44
CA GLN B 236 37.87 -3.38 20.44
C GLN B 236 38.11 -1.93 20.06
N ARG B 237 38.00 -1.05 21.04
CA ARG B 237 38.14 0.38 20.86
C ARG B 237 39.09 0.93 21.90
N PRO B 238 39.70 2.09 21.64
CA PRO B 238 40.62 2.68 22.63
C PRO B 238 39.92 2.98 23.95
N TRP B 239 40.69 2.88 25.03
CA TRP B 239 40.16 3.11 26.35
C TRP B 239 39.81 4.58 26.55
N ARG B 240 38.77 4.83 27.33
CA ARG B 240 38.38 6.17 27.73
C ARG B 240 37.41 6.06 28.89
N LYS B 241 37.31 7.13 29.67
CA LYS B 241 36.29 7.19 30.70
C LYS B 241 34.90 7.24 30.07
N HIS B 242 34.71 8.16 29.13
CA HIS B 242 33.51 8.23 28.31
C HIS B 242 33.84 9.17 27.16
N ALA B 243 32.91 9.29 26.23
CA ALA B 243 33.11 10.15 25.08
C ALA B 243 32.33 11.44 25.26
N ASN B 244 32.67 12.43 24.43
CA ASN B 244 32.03 13.75 24.50
C ASN B 244 31.03 13.88 23.36
N ILE B 245 29.89 13.23 23.52
CA ILE B 245 28.84 13.30 22.50
C ILE B 245 28.39 14.75 22.34
N PRO B 246 28.13 15.23 21.12
CA PRO B 246 27.70 16.63 20.97
C PRO B 246 26.31 16.88 21.50
N LEU B 247 26.11 16.77 22.81
CA LEU B 247 24.82 17.07 23.38
C LEU B 247 24.54 18.56 23.30
N GLY C 51 48.60 28.97 -7.62
CA GLY C 51 49.81 29.68 -7.99
C GLY C 51 50.00 30.98 -7.22
N GLN C 52 50.94 31.80 -7.68
CA GLN C 52 51.18 33.08 -7.02
C GLN C 52 49.97 34.01 -7.12
N ARG C 53 49.30 34.00 -8.27
CA ARG C 53 48.11 34.84 -8.43
C ARG C 53 47.01 34.42 -7.47
N ARG C 54 46.83 33.12 -7.28
CA ARG C 54 45.83 32.64 -6.33
C ARG C 54 46.19 33.01 -4.90
N ILE C 55 47.48 32.96 -4.56
CA ILE C 55 47.91 33.39 -3.23
C ILE C 55 47.62 34.87 -3.03
N ASP C 56 47.89 35.69 -4.04
CA ASP C 56 47.58 37.11 -3.94
C ASP C 56 46.09 37.34 -3.81
N ALA C 57 45.28 36.56 -4.54
CA ALA C 57 43.83 36.68 -4.42
C ALA C 57 43.36 36.33 -3.01
N GLN C 58 43.92 35.27 -2.43
CA GLN C 58 43.58 34.90 -1.05
C GLN C 58 43.99 36.00 -0.08
N HIS C 59 45.16 36.59 -0.28
CA HIS C 59 45.61 37.67 0.59
C HIS C 59 44.74 38.92 0.42
N LYS C 60 44.13 39.10 -0.75
CA LYS C 60 43.29 40.27 -0.97
C LYS C 60 42.06 40.24 -0.10
N ARG C 61 41.47 39.05 0.12
CA ARG C 61 40.34 38.92 1.01
C ARG C 61 40.72 39.09 2.48
N GLY C 62 42.00 39.16 2.79
CA GLY C 62 42.44 39.26 4.17
C GLY C 62 42.76 37.93 4.82
N LYS C 63 42.85 36.86 4.06
CA LYS C 63 43.11 35.53 4.58
C LYS C 63 44.56 35.12 4.30
N LEU C 64 44.99 34.07 4.98
CA LEU C 64 46.27 33.45 4.76
C LEU C 64 46.09 32.14 4.00
N THR C 65 47.20 31.61 3.49
CA THR C 65 47.14 30.29 2.90
C THR C 65 47.30 29.23 3.99
N ALA C 66 47.15 27.96 3.60
CA ALA C 66 47.20 26.88 4.56
C ALA C 66 48.55 26.81 5.26
N ARG C 67 49.64 26.97 4.49
CA ARG C 67 50.96 26.80 5.06
C ARG C 67 51.34 27.95 5.99
N GLU C 68 50.94 29.18 5.66
CA GLU C 68 51.20 30.28 6.60
C GLU C 68 50.40 30.13 7.88
N ARG C 69 49.17 29.62 7.78
CA ARG C 69 48.40 29.33 8.98
C ARG C 69 49.11 28.31 9.85
N ILE C 70 49.61 27.24 9.24
CA ILE C 70 50.33 26.22 10.00
C ILE C 70 51.59 26.82 10.63
N SER C 71 52.30 27.65 9.87
CA SER C 71 53.53 28.25 10.38
C SER C 71 53.28 29.15 11.57
N LEU C 72 52.21 29.94 11.53
CA LEU C 72 51.87 30.76 12.69
C LEU C 72 51.45 29.91 13.88
N LEU C 73 50.68 28.84 13.64
CA LEU C 73 50.19 28.05 14.76
C LEU C 73 51.30 27.33 15.49
N LEU C 74 52.25 26.75 14.77
CA LEU C 74 53.23 25.87 15.37
C LEU C 74 54.50 26.62 15.76
N ASP C 75 55.33 25.97 16.58
CA ASP C 75 56.61 26.53 16.94
C ASP C 75 57.51 26.60 15.70
N PRO C 76 58.40 27.60 15.64
CA PRO C 76 59.26 27.72 14.46
C PRO C 76 60.13 26.49 14.27
N GLY C 77 60.24 26.05 13.02
CA GLY C 77 61.06 24.90 12.68
C GLY C 77 60.64 23.61 13.35
N SER C 78 59.33 23.41 13.56
CA SER C 78 58.84 22.19 14.18
C SER C 78 57.82 21.45 13.34
N PHE C 79 57.38 22.02 12.23
CA PHE C 79 56.42 21.35 11.36
C PHE C 79 57.12 20.24 10.58
N VAL C 80 56.52 19.06 10.59
CA VAL C 80 57.00 17.93 9.79
C VAL C 80 55.82 17.47 8.95
N GLU C 81 55.84 17.80 7.67
CA GLU C 81 54.78 17.39 6.76
C GLU C 81 54.82 15.89 6.54
N SER C 82 53.65 15.28 6.36
CA SER C 82 53.53 13.85 6.12
C SER C 82 52.70 13.61 4.88
N ASP C 83 53.02 12.52 4.18
CA ASP C 83 52.35 12.12 2.95
C ASP C 83 52.33 13.26 1.94
N MET C 84 53.51 13.81 1.69
CA MET C 84 53.64 14.95 0.80
C MET C 84 53.23 14.60 -0.63
N PHE C 85 53.67 13.44 -1.12
CA PHE C 85 53.53 13.09 -2.53
C PHE C 85 52.31 12.21 -2.74
N VAL C 86 51.15 12.87 -2.80
CA VAL C 86 49.90 12.25 -3.23
C VAL C 86 49.19 13.23 -4.14
N GLU C 87 48.65 12.73 -5.26
CA GLU C 87 47.97 13.56 -6.23
C GLU C 87 46.47 13.31 -6.14
N HIS C 88 45.69 14.38 -6.01
CA HIS C 88 44.25 14.27 -5.92
C HIS C 88 43.64 14.04 -7.30
N PHE C 102 46.65 16.23 -10.16
CA PHE C 102 47.39 17.33 -9.54
C PHE C 102 47.78 16.99 -8.11
N PRO C 103 49.01 17.33 -7.73
CA PRO C 103 49.47 17.09 -6.37
C PRO C 103 48.90 18.14 -5.41
N GLY C 104 49.27 18.01 -4.14
CA GLY C 104 48.81 18.92 -3.09
C GLY C 104 47.58 18.45 -2.35
N ASP C 105 46.59 17.93 -3.07
CA ASP C 105 45.37 17.37 -2.49
C ASP C 105 44.55 18.40 -1.74
N SER C 106 44.98 19.66 -1.77
CA SER C 106 44.27 20.77 -1.13
C SER C 106 44.15 20.59 0.38
N VAL C 107 45.00 19.77 0.99
CA VAL C 107 45.07 19.67 2.44
C VAL C 107 46.52 19.43 2.82
N VAL C 108 47.00 20.18 3.82
CA VAL C 108 48.36 20.04 4.33
C VAL C 108 48.26 19.40 5.70
N THR C 109 48.82 18.22 5.85
CA THR C 109 48.77 17.48 7.11
C THR C 109 50.18 17.32 7.67
N GLY C 110 50.26 17.14 8.97
CA GLY C 110 51.54 16.88 9.60
C GLY C 110 51.46 16.96 11.11
N ARG C 111 52.63 17.05 11.72
CA ARG C 111 52.74 17.15 13.16
C ARG C 111 53.72 18.26 13.52
N GLY C 112 53.53 18.81 14.71
CA GLY C 112 54.39 19.88 15.17
C GLY C 112 54.34 19.97 16.68
N ARG C 113 54.85 21.08 17.19
CA ARG C 113 54.92 21.30 18.62
C ARG C 113 54.42 22.70 18.96
N ILE C 114 53.64 22.78 20.04
CA ILE C 114 53.23 24.05 20.62
C ILE C 114 53.81 24.11 22.02
N ASN C 115 54.68 25.09 22.27
CA ASN C 115 55.35 25.25 23.56
C ASN C 115 56.06 23.97 23.98
N GLY C 116 56.54 23.21 23.00
CA GLY C 116 57.25 21.98 23.28
C GLY C 116 56.40 20.74 23.39
N ARG C 117 55.09 20.83 23.19
CA ARG C 117 54.21 19.68 23.31
C ARG C 117 53.70 19.26 21.94
N LEU C 118 53.61 17.95 21.73
CA LEU C 118 53.29 17.40 20.41
C LEU C 118 51.84 17.65 20.05
N VAL C 119 51.59 17.88 18.75
CA VAL C 119 50.25 18.06 18.23
C VAL C 119 50.24 17.64 16.78
N TYR C 120 49.08 17.18 16.30
CA TYR C 120 48.88 16.84 14.91
C TYR C 120 47.90 17.83 14.29
N VAL C 121 48.14 18.21 13.03
CA VAL C 121 47.42 19.31 12.41
C VAL C 121 47.14 19.00 10.95
N PHE C 122 46.01 19.49 10.46
CA PHE C 122 45.72 19.53 9.05
C PHE C 122 45.07 20.88 8.73
N SER C 123 45.34 21.37 7.52
CA SER C 123 44.84 22.67 7.08
C SER C 123 44.34 22.54 5.65
N GLN C 124 43.08 22.90 5.41
CA GLN C 124 42.49 22.74 4.09
C GLN C 124 42.86 23.89 3.18
N ASP C 125 43.07 23.58 1.90
CA ASP C 125 43.63 24.51 0.92
C ASP C 125 42.83 24.48 -0.37
N PHE C 126 41.51 24.60 -0.26
CA PHE C 126 40.64 24.53 -1.43
C PHE C 126 40.68 25.79 -2.28
N THR C 127 41.23 26.89 -1.78
CA THR C 127 41.11 28.16 -2.47
C THR C 127 42.12 28.32 -3.61
N VAL C 128 43.13 27.46 -3.70
CA VAL C 128 44.19 27.69 -4.69
C VAL C 128 44.34 26.49 -5.63
N PHE C 129 44.54 25.30 -5.07
CA PHE C 129 44.90 24.12 -5.88
C PHE C 129 44.08 22.93 -5.44
N GLY C 130 42.77 23.12 -5.28
CA GLY C 130 41.88 22.03 -4.94
C GLY C 130 40.57 22.10 -5.68
N ARG C 131 40.10 20.96 -6.19
CA ARG C 131 38.86 20.94 -6.96
C ARG C 131 37.67 20.55 -6.11
N SER C 132 37.73 19.40 -5.45
CA SER C 132 36.64 18.93 -4.60
C SER C 132 37.23 18.01 -3.54
N LEU C 133 36.35 17.39 -2.75
CA LEU C 133 36.77 16.46 -1.71
C LEU C 133 37.09 15.11 -2.33
N SER C 134 38.28 15.05 -2.94
CA SER C 134 38.75 13.79 -3.49
C SER C 134 38.98 12.79 -2.35
N GLY C 135 39.12 11.52 -2.73
CA GLY C 135 39.42 10.50 -1.74
C GLY C 135 40.77 10.73 -1.08
N ALA C 136 41.71 11.34 -1.80
CA ALA C 136 43.03 11.59 -1.23
C ALA C 136 42.97 12.56 -0.06
N HIS C 137 42.14 13.59 -0.17
CA HIS C 137 42.00 14.57 0.90
C HIS C 137 41.56 13.89 2.20
N ALA C 138 40.46 13.16 2.14
CA ALA C 138 39.96 12.49 3.33
C ALA C 138 40.91 11.39 3.78
N GLN C 139 41.59 10.73 2.84
CA GLN C 139 42.55 9.70 3.23
C GLN C 139 43.70 10.29 4.01
N LYS C 140 44.21 11.45 3.59
CA LYS C 140 45.27 12.12 4.34
C LYS C 140 44.80 12.51 5.73
N ILE C 141 43.59 13.07 5.82
CA ILE C 141 43.08 13.46 7.13
C ILE C 141 42.93 12.24 8.03
N CYS C 142 42.40 11.14 7.49
CA CYS C 142 42.23 9.92 8.28
C CYS C 142 43.57 9.36 8.73
N LYS C 143 44.59 9.42 7.87
CA LYS C 143 45.90 8.95 8.25
C LYS C 143 46.47 9.76 9.41
N ILE C 144 46.32 11.08 9.35
CA ILE C 144 46.89 11.90 10.43
C ILE C 144 46.14 11.66 11.73
N MET C 145 44.81 11.46 11.65
CA MET C 145 44.05 11.15 12.86
C MET C 145 44.45 9.80 13.44
N ASP C 146 44.71 8.82 12.58
CA ASP C 146 45.14 7.52 13.08
C ASP C 146 46.49 7.61 13.78
N GLN C 147 47.42 8.39 13.21
CA GLN C 147 48.70 8.58 13.89
C GLN C 147 48.51 9.24 15.25
N ALA C 148 47.65 10.25 15.31
CA ALA C 148 47.41 10.94 16.58
C ALA C 148 46.82 10.00 17.62
N ILE C 149 45.90 9.12 17.21
CA ILE C 149 45.39 8.12 18.14
C ILE C 149 46.51 7.19 18.60
N THR C 150 47.38 6.79 17.66
CA THR C 150 48.42 5.82 17.99
C THR C 150 49.38 6.36 19.04
N VAL C 151 49.80 7.62 18.92
CA VAL C 151 50.74 8.17 19.90
C VAL C 151 50.06 8.88 21.07
N GLY C 152 48.79 9.25 20.94
CA GLY C 152 48.09 9.93 22.01
C GLY C 152 48.38 11.41 22.11
N ALA C 153 48.09 12.14 21.04
CA ALA C 153 48.32 13.58 20.97
C ALA C 153 47.10 14.23 20.35
N PRO C 154 46.85 15.51 20.64
CA PRO C 154 45.65 16.17 20.13
C PRO C 154 45.72 16.39 18.62
N VAL C 155 44.56 16.68 18.05
CA VAL C 155 44.41 17.04 16.64
C VAL C 155 43.78 18.42 16.56
N ILE C 156 44.40 19.30 15.78
CA ILE C 156 43.84 20.62 15.47
C ILE C 156 43.57 20.66 13.98
N GLY C 157 42.36 21.04 13.62
CA GLY C 157 41.98 21.09 12.22
C GLY C 157 41.52 22.46 11.78
N LEU C 158 42.17 23.01 10.77
CA LEU C 158 41.80 24.31 10.20
C LEU C 158 40.95 24.07 8.97
N ASN C 159 39.66 24.41 9.07
CA ASN C 159 38.69 24.09 8.04
C ASN C 159 38.42 25.33 7.18
N ASP C 160 38.77 25.25 5.91
CA ASP C 160 38.55 26.34 4.95
C ASP C 160 38.05 25.77 3.63
N SER C 161 37.04 24.91 3.68
CA SER C 161 36.55 24.21 2.50
C SER C 161 35.68 25.14 1.64
N GLY C 162 36.24 26.28 1.29
CA GLY C 162 35.56 27.24 0.45
C GLY C 162 35.71 26.90 -1.02
N GLY C 163 34.96 25.91 -1.48
CA GLY C 163 35.14 25.37 -2.81
C GLY C 163 34.38 24.09 -3.03
N ALA C 164 35.08 23.05 -3.47
CA ALA C 164 34.49 21.71 -3.69
C ALA C 164 33.47 21.74 -4.83
N ARG C 165 33.88 22.31 -5.96
CA ARG C 165 33.09 22.31 -7.19
C ARG C 165 31.69 22.86 -6.96
N ILE C 166 30.68 22.03 -7.17
CA ILE C 166 29.28 22.41 -7.01
C ILE C 166 28.73 21.75 -5.76
N GLN C 167 29.61 21.47 -4.79
CA GLN C 167 29.25 20.81 -3.54
C GLN C 167 28.62 19.43 -3.82
N GLU C 168 29.43 18.57 -4.42
CA GLU C 168 28.99 17.22 -4.78
C GLU C 168 30.20 16.30 -4.67
N GLY C 169 30.12 15.13 -5.31
CA GLY C 169 31.20 14.17 -5.28
C GLY C 169 30.81 12.86 -4.63
N VAL C 170 30.81 11.78 -5.42
CA VAL C 170 30.42 10.47 -4.91
C VAL C 170 31.40 10.00 -3.84
N GLU C 171 32.70 10.14 -4.10
CA GLU C 171 33.71 9.71 -3.15
C GLU C 171 33.94 10.71 -2.02
N SER C 172 33.34 11.90 -2.10
CA SER C 172 33.46 12.87 -1.01
C SER C 172 32.71 12.40 0.22
N LEU C 173 31.49 11.89 0.04
CA LEU C 173 30.66 11.50 1.17
C LEU C 173 31.25 10.31 1.91
N ALA C 174 31.86 9.37 1.18
CA ALA C 174 32.52 8.25 1.84
C ALA C 174 33.70 8.73 2.69
N GLY C 175 34.48 9.69 2.18
CA GLY C 175 35.56 10.23 2.96
C GLY C 175 35.05 10.96 4.20
N TYR C 176 33.95 11.68 4.05
CA TYR C 176 33.34 12.33 5.21
C TYR C 176 32.91 11.31 6.23
N ALA C 177 32.35 10.18 5.78
CA ALA C 177 31.97 9.12 6.71
C ALA C 177 33.17 8.55 7.44
N ASP C 178 34.28 8.36 6.72
CA ASP C 178 35.50 7.89 7.37
C ASP C 178 35.98 8.87 8.43
N ILE C 179 35.95 10.16 8.10
CA ILE C 179 36.41 11.17 9.06
C ILE C 179 35.48 11.21 10.27
N PHE C 180 34.18 11.05 10.05
CA PHE C 180 33.24 11.00 11.17
C PHE C 180 33.54 9.80 12.07
N LEU C 181 33.84 8.66 11.47
CA LEU C 181 34.18 7.49 12.27
C LEU C 181 35.43 7.74 13.11
N ARG C 182 36.44 8.38 12.51
CA ARG C 182 37.65 8.69 13.26
C ARG C 182 37.36 9.66 14.40
N ASN C 183 36.53 10.67 14.15
CA ASN C 183 36.16 11.61 15.21
C ASN C 183 35.46 10.91 16.35
N VAL C 184 34.52 10.02 16.04
CA VAL C 184 33.78 9.34 17.08
C VAL C 184 34.68 8.40 17.87
N THR C 185 35.61 7.72 17.19
CA THR C 185 36.55 6.86 17.89
C THR C 185 37.48 7.67 18.80
N ALA C 186 37.91 8.84 18.35
CA ALA C 186 38.81 9.67 19.14
C ALA C 186 38.12 10.41 20.27
N SER C 187 36.79 10.50 20.25
CA SER C 187 36.07 11.29 21.23
C SER C 187 36.27 10.74 22.63
N GLY C 188 36.90 11.55 23.50
CA GLY C 188 37.25 11.13 24.83
C GLY C 188 38.64 10.53 24.96
N VAL C 189 39.31 10.24 23.85
CA VAL C 189 40.64 9.68 23.87
C VAL C 189 41.70 10.76 23.71
N ILE C 190 41.55 11.62 22.70
CA ILE C 190 42.44 12.76 22.52
C ILE C 190 41.58 14.01 22.32
N PRO C 191 42.03 15.17 22.76
CA PRO C 191 41.28 16.40 22.46
C PRO C 191 41.31 16.69 20.96
N GLN C 192 40.19 17.21 20.46
CA GLN C 192 40.06 17.57 19.06
C GLN C 192 39.55 18.99 18.96
N ILE C 193 40.35 19.87 18.36
CA ILE C 193 39.99 21.28 18.22
C ILE C 193 39.81 21.58 16.74
N SER C 194 38.76 22.35 16.44
CA SER C 194 38.42 22.71 15.08
C SER C 194 38.32 24.22 14.98
N LEU C 195 39.10 24.81 14.08
CA LEU C 195 39.04 26.25 13.82
C LEU C 195 38.57 26.44 12.39
N ILE C 196 37.40 27.05 12.22
CA ILE C 196 36.82 27.29 10.90
C ILE C 196 37.30 28.64 10.42
N MET C 197 38.13 28.64 9.39
CA MET C 197 38.77 29.86 8.92
C MET C 197 38.25 30.31 7.57
N GLY C 198 37.23 29.64 7.05
CA GLY C 198 36.60 30.02 5.80
C GLY C 198 35.24 29.36 5.68
N PRO C 199 34.57 29.57 4.56
CA PRO C 199 33.22 29.00 4.39
C PRO C 199 33.27 27.48 4.27
N CYS C 200 32.46 26.81 5.09
CA CYS C 200 32.33 25.36 5.06
C CYS C 200 30.86 25.02 4.93
N ALA C 201 30.52 24.15 3.98
CA ALA C 201 29.13 23.83 3.69
C ALA C 201 28.99 22.35 3.39
N GLY C 202 27.76 21.85 3.54
CA GLY C 202 27.45 20.48 3.24
C GLY C 202 27.74 19.52 4.37
N GLY C 203 28.23 18.32 4.05
CA GLY C 203 28.58 17.37 5.08
C GLY C 203 29.88 17.63 5.78
N ALA C 204 30.63 18.63 5.34
CA ALA C 204 31.87 18.99 6.00
C ALA C 204 31.65 19.68 7.34
N VAL C 205 30.41 20.06 7.66
CA VAL C 205 30.13 20.80 8.88
C VAL C 205 29.86 19.90 10.08
N TYR C 206 29.76 18.59 9.88
CA TYR C 206 29.45 17.68 10.98
C TYR C 206 30.68 17.23 11.75
N SER C 207 31.82 17.09 11.07
CA SER C 207 33.05 16.76 11.77
C SER C 207 33.44 17.83 12.78
N PRO C 208 33.41 19.13 12.47
CA PRO C 208 33.63 20.12 13.53
C PRO C 208 32.61 20.03 14.66
N ALA C 209 31.35 19.69 14.34
CA ALA C 209 30.36 19.54 15.40
C ALA C 209 30.67 18.35 16.29
N LEU C 210 31.36 17.35 15.76
CA LEU C 210 31.74 16.20 16.57
C LEU C 210 33.01 16.41 17.39
N THR C 211 33.73 17.51 17.17
CA THR C 211 34.94 17.78 17.93
C THR C 211 34.60 18.49 19.24
N ASP C 212 35.60 18.55 20.11
CA ASP C 212 35.37 19.05 21.46
C ASP C 212 35.14 20.56 21.47
N PHE C 213 35.93 21.31 20.73
CA PHE C 213 35.82 22.76 20.72
C PHE C 213 35.87 23.28 19.29
N THR C 214 35.04 24.27 19.01
CA THR C 214 34.89 24.83 17.68
C THR C 214 35.05 26.34 17.77
N PHE C 215 35.99 26.88 17.00
CA PHE C 215 36.24 28.31 16.96
C PHE C 215 36.05 28.84 15.55
N MET C 216 35.62 30.08 15.44
CA MET C 216 35.31 30.70 14.17
C MET C 216 36.03 32.03 14.04
N VAL C 217 36.23 32.47 12.81
CA VAL C 217 36.82 33.75 12.50
C VAL C 217 35.72 34.68 12.02
N LYS C 218 35.70 35.90 12.54
CA LYS C 218 34.61 36.82 12.25
C LYS C 218 34.62 37.26 10.78
N ASP C 219 33.42 37.34 10.20
CA ASP C 219 33.19 37.93 8.89
C ASP C 219 33.89 37.19 7.76
N THR C 220 34.46 36.03 8.05
CA THR C 220 35.25 35.33 7.05
C THR C 220 34.86 33.86 6.95
N SER C 221 34.32 33.33 8.04
CA SER C 221 33.99 31.92 8.13
C SER C 221 32.48 31.74 8.23
N TYR C 222 31.98 30.65 7.64
CA TYR C 222 30.58 30.31 7.69
C TYR C 222 30.42 28.82 7.90
N LEU C 223 29.32 28.44 8.53
CA LEU C 223 28.95 27.04 8.72
C LEU C 223 27.47 26.89 8.44
N PHE C 224 27.13 26.06 7.46
CA PHE C 224 25.74 25.75 7.16
C PHE C 224 25.69 24.53 6.26
N ILE C 225 24.58 23.80 6.34
CA ILE C 225 24.43 22.59 5.54
C ILE C 225 23.99 22.94 4.13
N THR C 226 22.96 23.77 4.00
CA THR C 226 22.45 24.19 2.70
C THR C 226 22.66 25.70 2.56
N GLY C 227 23.12 26.11 1.38
CA GLY C 227 23.40 27.50 1.12
C GLY C 227 22.13 28.33 1.02
N PRO C 228 22.29 29.65 0.95
CA PRO C 228 21.11 30.53 0.84
C PRO C 228 20.28 30.26 -0.41
N ASP C 229 20.90 29.72 -1.47
CA ASP C 229 20.17 29.46 -2.70
C ASP C 229 19.08 28.42 -2.48
N VAL C 230 19.43 27.31 -1.81
CA VAL C 230 18.46 26.26 -1.56
C VAL C 230 17.37 26.75 -0.61
N VAL C 231 17.75 27.56 0.37
CA VAL C 231 16.77 28.11 1.31
C VAL C 231 15.77 29.00 0.57
N LYS C 232 16.27 29.84 -0.33
CA LYS C 232 15.37 30.67 -1.13
C LYS C 232 14.48 29.80 -2.02
N SER C 233 15.04 28.75 -2.62
CA SER C 233 14.27 27.91 -3.53
C SER C 233 13.16 27.18 -2.80
N VAL C 234 13.42 26.68 -1.60
CA VAL C 234 12.48 25.82 -0.90
C VAL C 234 11.61 26.63 0.06
N THR C 235 12.24 27.24 1.06
CA THR C 235 11.49 27.94 2.11
C THR C 235 10.97 29.29 1.64
N ASN C 236 11.49 29.82 0.53
CA ASN C 236 11.08 31.10 -0.01
C ASN C 236 11.31 32.23 1.00
N GLU C 237 12.58 32.41 1.36
CA GLU C 237 13.01 33.51 2.20
C GLU C 237 14.41 33.92 1.78
N ASP C 238 14.73 35.19 2.02
CA ASP C 238 15.98 35.80 1.57
C ASP C 238 16.89 36.01 2.77
N VAL C 239 17.99 35.26 2.81
CA VAL C 239 19.01 35.43 3.84
C VAL C 239 20.38 35.36 3.19
N THR C 240 21.30 36.20 3.64
CA THR C 240 22.65 36.17 3.12
C THR C 240 23.45 35.08 3.82
N GLN C 241 24.71 34.93 3.40
CA GLN C 241 25.58 33.94 4.02
C GLN C 241 25.83 34.26 5.49
N GLU C 242 26.04 35.54 5.81
CA GLU C 242 26.39 35.93 7.17
C GLU C 242 25.25 35.63 8.15
N GLU C 243 24.04 36.03 7.80
CA GLU C 243 22.93 35.82 8.71
C GLU C 243 22.42 34.38 8.71
N LEU C 244 22.93 33.53 7.82
CA LEU C 244 22.55 32.13 7.82
C LEU C 244 23.57 31.26 8.55
N GLY C 245 24.86 31.52 8.35
CA GLY C 245 25.88 30.72 9.00
C GLY C 245 27.10 31.47 9.45
N GLY C 246 26.97 32.77 9.69
CA GLY C 246 28.11 33.57 10.08
C GLY C 246 28.60 33.26 11.49
N ALA C 247 29.74 33.85 11.83
CA ALA C 247 30.34 33.60 13.14
C ALA C 247 29.44 34.11 14.26
N LYS C 248 28.85 35.29 14.09
CA LYS C 248 27.97 35.83 15.12
C LYS C 248 26.74 34.95 15.32
N THR C 249 26.19 34.44 14.21
CA THR C 249 25.03 33.56 14.31
C THR C 249 25.34 32.31 15.12
N HIS C 250 26.49 31.71 14.88
CA HIS C 250 26.85 30.46 15.53
C HIS C 250 27.48 30.65 16.90
N THR C 251 27.81 31.88 17.28
CA THR C 251 28.32 32.14 18.62
C THR C 251 27.31 32.84 19.53
N THR C 252 26.20 33.33 19.00
CA THR C 252 25.25 34.07 19.82
C THR C 252 23.86 33.45 19.89
N MET C 253 23.41 32.74 18.85
CA MET C 253 22.06 32.21 18.87
C MET C 253 21.95 30.81 18.30
N SER C 254 23.05 30.06 18.22
CA SER C 254 23.01 28.73 17.63
C SER C 254 23.61 27.69 18.57
N GLY C 255 24.60 28.10 19.36
CA GLY C 255 25.25 27.16 20.26
C GLY C 255 26.16 26.17 19.59
N VAL C 256 26.64 26.47 18.38
CA VAL C 256 27.52 25.57 17.66
C VAL C 256 28.98 25.92 17.89
N ALA C 257 29.34 27.19 17.72
CA ALA C 257 30.71 27.63 17.93
C ALA C 257 30.92 28.09 19.37
N HIS C 258 32.16 28.02 19.81
CA HIS C 258 32.51 28.38 21.19
C HIS C 258 33.08 29.77 21.32
N ARG C 259 33.90 30.22 20.38
CA ARG C 259 34.44 31.57 20.39
C ARG C 259 34.61 32.06 18.97
N ALA C 260 34.59 33.38 18.81
CA ALA C 260 34.85 34.03 17.54
C ALA C 260 35.98 35.03 17.72
N PHE C 261 36.89 35.06 16.76
CA PHE C 261 38.07 35.90 16.84
C PHE C 261 38.08 36.91 15.70
N GLU C 262 38.90 37.95 15.86
CA GLU C 262 38.87 39.08 14.93
C GLU C 262 39.35 38.67 13.54
N ASN C 263 40.50 38.00 13.47
CA ASN C 263 41.05 37.59 12.18
C ASN C 263 41.88 36.34 12.39
N ASP C 264 42.67 35.98 11.37
CA ASP C 264 43.38 34.71 11.39
C ASP C 264 44.55 34.73 12.38
N VAL C 265 45.30 35.83 12.42
CA VAL C 265 46.44 35.90 13.34
C VAL C 265 45.96 35.86 14.78
N ASP C 266 44.94 36.65 15.09
CA ASP C 266 44.38 36.65 16.44
C ASP C 266 43.84 35.29 16.82
N ALA C 267 43.15 34.63 15.88
CA ALA C 267 42.60 33.30 16.15
C ALA C 267 43.71 32.30 16.42
N LEU C 268 44.79 32.33 15.65
CA LEU C 268 45.86 31.36 15.85
C LEU C 268 46.59 31.60 17.16
N CYS C 269 46.84 32.86 17.52
CA CYS C 269 47.47 33.14 18.80
C CYS C 269 46.60 32.68 19.96
N ASN C 270 45.30 32.97 19.89
CA ASN C 270 44.40 32.51 20.95
C ASN C 270 44.29 31.00 20.96
N LEU C 271 44.45 30.34 19.82
CA LEU C 271 44.43 28.88 19.80
C LEU C 271 45.65 28.29 20.48
N ARG C 272 46.82 28.91 20.29
CA ARG C 272 48.00 28.46 21.04
C ARG C 272 47.78 28.62 22.54
N ASP C 273 47.27 29.78 22.95
CA ASP C 273 47.01 30.02 24.36
C ASP C 273 46.01 29.02 24.92
N PHE C 274 44.96 28.72 24.17
CA PHE C 274 43.98 27.73 24.61
C PHE C 274 44.58 26.33 24.68
N PHE C 275 45.39 25.97 23.70
CA PHE C 275 46.00 24.65 23.68
C PHE C 275 46.89 24.44 24.88
N ASN C 276 47.49 25.50 25.40
CA ASN C 276 48.34 25.34 26.59
C ASN C 276 47.59 24.75 27.78
N TYR C 277 46.26 24.90 27.84
CA TYR C 277 45.50 24.45 29.00
C TYR C 277 45.30 22.95 29.04
N LEU C 278 45.11 22.31 27.89
CA LEU C 278 44.60 20.95 27.78
C LEU C 278 45.69 19.91 27.98
N PRO C 279 45.31 18.72 28.45
CA PRO C 279 46.24 17.59 28.43
C PRO C 279 46.34 17.00 27.03
N LEU C 280 47.39 16.20 26.83
CA LEU C 280 47.61 15.62 25.50
C LEU C 280 46.65 14.47 25.22
N SER C 281 46.33 13.66 26.23
CA SER C 281 45.35 12.60 26.07
C SER C 281 44.65 12.40 27.41
N SER C 282 43.70 11.46 27.43
CA SER C 282 42.96 11.17 28.66
C SER C 282 43.71 10.23 29.59
N GLN C 283 44.88 9.76 29.20
CA GLN C 283 45.73 8.99 30.10
C GLN C 283 46.66 9.86 30.92
N ASP C 284 46.69 11.13 30.66
CA ASP C 284 47.53 12.10 31.34
C ASP C 284 46.72 12.89 32.35
N PRO C 285 47.34 13.35 33.43
CA PRO C 285 46.67 14.25 34.36
C PRO C 285 46.56 15.65 33.79
N ALA C 286 45.82 16.49 34.49
CA ALA C 286 45.66 17.87 34.07
C ALA C 286 47.01 18.58 34.10
N PRO C 287 47.30 19.43 33.12
CA PRO C 287 48.62 20.07 33.07
C PRO C 287 48.84 21.00 34.25
N VAL C 288 50.11 21.14 34.64
CA VAL C 288 50.52 22.05 35.69
C VAL C 288 51.67 22.88 35.16
N ARG C 289 51.47 24.19 35.06
CA ARG C 289 52.53 25.11 34.67
C ARG C 289 53.24 25.60 35.92
N GLU C 290 54.09 26.61 35.77
CA GLU C 290 54.80 27.20 36.90
C GLU C 290 54.00 28.37 37.46
N CYS C 291 53.71 28.33 38.76
CA CYS C 291 52.89 29.32 39.41
C CYS C 291 53.75 30.29 40.21
N HIS C 292 53.33 31.56 40.24
CA HIS C 292 54.06 32.60 40.94
C HIS C 292 53.23 33.21 42.06
PG ATP D . -26.90 -4.03 -17.03
O1G ATP D . -27.23 -4.81 -18.27
O2G ATP D . -25.41 -4.08 -16.66
O3G ATP D . -27.72 -4.44 -15.81
PB ATP D . -28.41 -1.46 -17.08
O1B ATP D . -28.04 -0.31 -16.23
O2B ATP D . -28.91 -1.11 -18.49
O3B ATP D . -27.21 -2.49 -17.24
PA ATP D . -30.63 -3.40 -16.86
O1A ATP D . -30.04 -4.46 -17.70
O2A ATP D . -31.75 -2.59 -17.52
O3A ATP D . -29.52 -2.37 -16.38
O5' ATP D . -31.17 -3.99 -15.50
C5' ATP D . -30.99 -5.37 -15.16
C4' ATP D . -31.65 -5.66 -13.82
O4' ATP D . -32.64 -4.64 -13.56
C3' ATP D . -32.40 -6.98 -13.75
O3' ATP D . -31.55 -8.02 -13.30
C2' ATP D . -33.51 -6.68 -12.74
O2' ATP D . -33.04 -6.77 -11.40
C1' ATP D . -33.83 -5.22 -13.08
N9 ATP D . -34.86 -5.06 -14.10
C8 ATP D . -34.67 -4.72 -15.42
N7 ATP D . -35.77 -4.65 -16.12
C5 ATP D . -36.77 -4.96 -15.20
C6 ATP D . -38.16 -5.06 -15.31
N6 ATP D . -38.84 -4.83 -16.44
N1 ATP D . -38.86 -5.38 -14.21
C2 ATP D . -38.20 -5.60 -13.07
N3 ATP D . -36.88 -5.54 -12.84
C4 ATP D . -36.22 -5.22 -13.95
MG MG E . -28.61 -7.58 -18.95
C BCT F . -22.97 -6.29 -14.92
O1 BCT F . -22.90 -5.17 -15.42
O2 BCT F . -23.37 -7.37 -15.32
O3 BCT F . -22.67 -6.33 -13.52
#